data_9C0K
#
_entry.id   9C0K
#
_cell.length_a   1.00
_cell.length_b   1.00
_cell.length_c   1.00
_cell.angle_alpha   90.00
_cell.angle_beta   90.00
_cell.angle_gamma   90.00
#
_symmetry.space_group_name_H-M   'P 1'
#
loop_
_entity.id
_entity.type
_entity.pdbx_description
1 polymer 'Glucagon-like peptide 1 receptor'
2 polymer Exendin-4
3 polymer 'Guanine nucleotide-binding protein G(s) subunit alpha isoforms short'
4 polymer 'Guanine nucleotide-binding protein G(I)/G(S)/G(T) subunit beta-1'
5 polymer 'Guanine nucleotide-binding protein G(I)/G(S)/G(O) subunit gamma-2'
6 polymer Nb35
7 water water
#
loop_
_entity_poly.entity_id
_entity_poly.type
_entity_poly.pdbx_seq_one_letter_code
_entity_poly.pdbx_strand_id
1 'polypeptide(L)'
;MKTIIALSYIFCLVFADYKDDDDLEVLFQGPARPQGATVSLWETVQKWREYRRQCQRSLTEDPPPATDLFCNRTFDEYAC
WPDGEPGSFVNVSCPWYLPWASSVPQGHVYRFCTAEGLWLQKDNSSLPWRDLSECEESKRGERSSPEEQLLFLYIIYTVG
YALSFSALVIASAILLGFRHLHCTRNYIHLNLFASFILRALSVFIKDAALKWMYSTAAQQHQWDGLLSYQDSLSCRLVFL
LMQYCVAANYYWLLVEGVYLYTLLAFSVFSEQWIFRLYVSIGWGVPLLFVVPWGIVKYLYEDEGCWTRNSNMNYWLIIRL
PILFAIGVNFLIFVRVICIVVSKLKANLMCKTDIKCRLAKSTLTLIPLLGTHEVIFAFVMDEHARGTLRFIKLFTELSFT
SFQGLMVAILYCFVNNEVQLEFRKSWERWRLEHLHIQRDSSMKPLKCPTSSLSSGATAGSSMYTATCQASCSPAGLEVLF
QGPHHHHHHHH
;
R
2 'polypeptide(L)' FGEGTFTSDLSKQMEEEAVRLFIEWLKNGGPSSGAPPPS P
3 'polypeptide(L)'
;MGCLGNSKTEDQRNEEKAQREANKKIEKQLQKDKQVYRATHRLLLLGAGESGKNTIVKQMRILHVNGFNGEGGEEDPQAA
RSNSDGEKATKVQDIKNNLKEAIETIVAAMSNLVPPVELANPENQFRVDYILSVMNVPDFDFPPEFYEHAKALWEDEGVR
ACYERSNEYQLIDCAQYFLDKIDVIKQADYVPSDQDLLRCRVLTSGIFETKFQVDKVNFHMFDVGAQRDERRKWIQCFND
VTAIIFVVASSSYNMVIREDNQTNRLQAALKLFDSIWNNKWLRDTSVILFLNKQDLLAEKVLAGKSKIEDYFPEFARYTT
PEDATPEPGEDPRVTRAKYFIRDEFLRISTASGDGRHYCYPHFTCAVDTENIRRVFNDCRDIIQRMHLRQYELL
;
A
4 'polypeptide(L)'
;MHHHHHHGSSGSELDQLRQEAEQLKNQIRDARKACADATLSQITNNIDPVGRIQMRTRRTLRGHLAKIYAMHWGTDSRLL
VSASQDGKLIIWDSYTTNKVHAIPLRSSWVMTCAYAPSGNYVACGGLDNICSIYNLKTREGNVRVSRELAGHTGYLSCCR
FLDDNQIVTSSGDTTCALWDIETGQQTTTFTGHTGDVMSLSLAPDTRLFVSGACDASAKLWDVREGMCRQTFTGHESDIN
AICFFPNGNAFATGSDDATCRLFDLRADQELMTYSHDNIICGITSVSFSKSGRLLLAGYDDFNCNVWDALKADRAGVLAG
HDNRVSCLGVTDDGMAVATGSWDSFLKIWN
;
B
5 'polypeptide(L)' NTASIAQARKLVEQLKMEANIDRIKVSKAAADLMAYCEAHAKEDPLLTPVPASENPFR G
6 'polypeptide(L)'
;QVQLQESGGGLVQPGGSLRLSCAASGFTFSNYKMNWVRQAPGKGLEWVSDISQSGASISYTGSVKGRFTISRDNAKNTLY
LQMNSLKPEDTAVYYCARCPAPFTRDCFDVTSTTYAYRGQGTQVTVSS
;
N
#
# COMPACT_ATOMS: atom_id res chain seq x y z
N THR A 38 49.15 -19.53 22.66
CA THR A 38 48.75 -18.32 21.93
C THR A 38 49.93 -17.75 21.15
N VAL A 39 51.02 -18.52 21.08
CA VAL A 39 52.20 -18.08 20.34
C VAL A 39 51.86 -17.99 18.86
N SER A 40 52.29 -16.91 18.22
CA SER A 40 52.00 -16.71 16.82
C SER A 40 53.06 -17.38 15.95
N LEU A 41 52.63 -17.83 14.76
CA LEU A 41 53.57 -18.51 13.84
C LEU A 41 54.57 -17.48 13.28
N TRP A 42 54.20 -16.20 13.27
CA TRP A 42 55.12 -15.17 12.80
C TRP A 42 56.34 -15.05 13.70
N GLU A 43 56.12 -15.02 15.01
CA GLU A 43 57.22 -14.79 15.94
C GLU A 43 58.08 -16.04 16.13
N THR A 44 57.46 -17.22 16.09
CA THR A 44 58.24 -18.44 16.27
C THR A 44 59.08 -18.75 15.04
N VAL A 45 58.56 -18.44 13.85
CA VAL A 45 59.38 -18.61 12.64
C VAL A 45 60.55 -17.65 12.67
N GLN A 46 60.31 -16.40 13.02
CA GLN A 46 61.41 -15.45 13.16
C GLN A 46 62.39 -15.89 14.23
N LYS A 47 61.88 -16.34 15.38
CA LYS A 47 62.76 -16.73 16.46
C LYS A 47 63.65 -17.89 16.04
N TRP A 48 63.17 -18.70 15.08
CA TRP A 48 63.97 -19.82 14.58
C TRP A 48 65.16 -19.36 13.76
N ARG A 49 64.96 -18.39 12.87
CA ARG A 49 66.00 -18.08 11.89
C ARG A 49 67.23 -17.47 12.55
N GLU A 50 67.03 -16.66 13.60
CA GLU A 50 68.19 -16.21 14.37
C GLU A 50 68.90 -17.38 15.02
N TYR A 51 68.14 -18.31 15.62
CA TYR A 51 68.75 -19.48 16.26
C TYR A 51 69.65 -20.23 15.29
N ARG A 52 69.22 -20.32 14.03
CA ARG A 52 70.10 -20.88 13.01
C ARG A 52 71.31 -19.99 12.78
N ARG A 53 71.11 -18.67 12.89
CA ARG A 53 72.20 -17.75 12.59
C ARG A 53 73.24 -17.72 13.70
N GLN A 54 72.81 -17.75 14.97
CA GLN A 54 73.78 -17.84 16.04
C GLN A 54 74.54 -19.15 16.00
N CYS A 55 73.83 -20.26 15.73
CA CYS A 55 74.47 -21.57 15.81
C CYS A 55 75.49 -21.76 14.69
N GLN A 56 75.13 -21.42 13.45
CA GLN A 56 76.03 -21.64 12.33
C GLN A 56 77.30 -20.80 12.47
N ARG A 57 77.16 -19.56 12.92
CA ARG A 57 78.34 -18.75 13.23
C ARG A 57 79.11 -19.34 14.40
N SER A 58 78.40 -19.83 15.42
CA SER A 58 79.06 -20.56 16.50
C SER A 58 79.70 -21.84 15.99
N LEU A 59 79.01 -22.55 15.08
CA LEU A 59 79.62 -23.72 14.47
C LEU A 59 80.79 -23.33 13.57
N THR A 60 80.74 -22.13 13.00
CA THR A 60 81.87 -21.64 12.21
C THR A 60 83.11 -21.45 13.08
N GLU A 61 82.94 -20.89 14.28
CA GLU A 61 84.05 -20.74 15.21
C GLU A 61 84.53 -22.10 15.67
N ASP A 62 85.83 -22.23 15.87
CA ASP A 62 86.42 -23.51 16.24
C ASP A 62 86.13 -23.82 17.71
N PRO A 63 85.48 -24.94 18.00
CA PRO A 63 85.30 -25.35 19.39
C PRO A 63 86.58 -25.98 19.92
N PRO A 64 86.63 -26.31 21.22
CA PRO A 64 87.81 -27.03 21.74
C PRO A 64 88.04 -28.31 20.98
N PRO A 65 89.28 -28.55 20.54
CA PRO A 65 89.56 -29.73 19.71
C PRO A 65 89.35 -31.03 20.49
N ALA A 66 88.91 -32.06 19.77
CA ALA A 66 88.74 -33.38 20.33
C ALA A 66 90.02 -34.19 20.12
N THR A 67 89.96 -35.50 20.37
CA THR A 67 91.12 -36.38 20.22
C THR A 67 91.29 -36.79 18.75
N ASP A 68 91.54 -35.79 17.92
CA ASP A 68 91.79 -35.87 16.48
C ASP A 68 90.54 -36.28 15.71
N LEU A 69 89.43 -36.59 16.37
CA LEU A 69 88.18 -36.95 15.70
C LEU A 69 87.03 -36.35 16.49
N PHE A 70 86.18 -35.59 15.81
CA PHE A 70 85.05 -34.93 16.43
C PHE A 70 83.80 -35.15 15.58
N CYS A 71 82.69 -35.40 16.26
CA CYS A 71 81.40 -35.44 15.56
C CYS A 71 81.14 -34.08 14.91
N ASN A 72 81.08 -34.08 13.58
CA ASN A 72 81.02 -32.84 12.82
C ASN A 72 79.90 -31.95 13.32
N ARG A 73 80.20 -30.65 13.46
CA ARG A 73 79.22 -29.71 13.98
C ARG A 73 77.98 -29.73 13.10
N THR A 74 76.89 -30.27 13.64
CA THR A 74 75.66 -30.49 12.89
C THR A 74 74.67 -29.39 13.22
N PHE A 75 74.28 -28.64 12.20
CA PHE A 75 73.25 -27.62 12.33
C PHE A 75 72.00 -28.11 11.59
N ASP A 76 71.22 -28.93 12.28
CA ASP A 76 69.98 -29.42 11.72
C ASP A 76 68.96 -28.30 11.69
N GLU A 77 67.90 -28.49 10.90
CA GLU A 77 66.82 -27.53 10.86
C GLU A 77 66.23 -27.32 12.26
N TYR A 78 66.17 -28.39 13.06
CA TYR A 78 65.60 -28.28 14.40
C TYR A 78 66.66 -27.90 15.42
N ALA A 79 67.80 -28.59 15.43
CA ALA A 79 68.77 -28.47 16.52
C ALA A 79 70.13 -28.09 15.96
N CYS A 80 70.82 -27.20 16.68
CA CYS A 80 72.20 -26.83 16.40
C CYS A 80 73.05 -27.18 17.60
N TRP A 81 74.10 -27.97 17.40
CA TRP A 81 74.93 -28.44 18.49
C TRP A 81 76.39 -28.49 18.05
N PRO A 82 77.33 -28.36 18.99
CA PRO A 82 78.74 -28.29 18.64
C PRO A 82 79.36 -29.65 18.41
N ASP A 83 80.68 -29.65 18.22
CA ASP A 83 81.44 -30.87 18.02
C ASP A 83 81.31 -31.79 19.22
N GLY A 84 81.30 -33.10 18.97
CA GLY A 84 81.22 -34.10 20.00
C GLY A 84 82.49 -34.93 20.05
N GLU A 85 82.98 -35.15 21.26
CA GLU A 85 84.16 -35.98 21.46
C GLU A 85 83.82 -37.45 21.20
N PRO A 86 84.81 -38.25 20.82
CA PRO A 86 84.54 -39.66 20.51
C PRO A 86 83.92 -40.40 21.69
N GLY A 87 82.98 -41.28 21.38
CA GLY A 87 82.32 -42.08 22.41
C GLY A 87 81.56 -41.27 23.43
N SER A 88 80.83 -40.25 22.99
CA SER A 88 80.09 -39.37 23.88
C SER A 88 78.59 -39.57 23.67
N PHE A 89 77.92 -40.09 24.69
CA PHE A 89 76.47 -40.22 24.69
C PHE A 89 75.90 -39.15 25.61
N VAL A 90 75.67 -37.96 25.06
CA VAL A 90 75.29 -36.79 25.84
C VAL A 90 73.93 -36.31 25.37
N ASN A 91 73.00 -36.15 26.30
CA ASN A 91 71.69 -35.61 25.97
C ASN A 91 71.79 -34.11 25.75
N VAL A 92 71.01 -33.59 24.80
CA VAL A 92 71.02 -32.19 24.43
C VAL A 92 69.67 -31.58 24.81
N SER A 93 69.71 -30.40 25.41
CA SER A 93 68.52 -29.78 25.97
C SER A 93 67.57 -29.31 24.87
N CYS A 94 66.35 -28.97 25.29
CA CYS A 94 65.37 -28.45 24.35
C CYS A 94 65.84 -27.10 23.81
N PRO A 95 65.56 -26.79 22.55
CA PRO A 95 66.02 -25.52 21.98
C PRO A 95 65.26 -24.32 22.56
N TRP A 96 65.92 -23.16 22.52
CA TRP A 96 65.34 -21.97 23.12
C TRP A 96 64.30 -21.33 22.21
N TYR A 97 64.47 -21.45 20.89
CA TYR A 97 63.45 -20.96 19.97
C TYR A 97 62.16 -21.75 20.07
N LEU A 98 62.22 -22.94 20.66
CA LEU A 98 61.05 -23.81 20.75
C LEU A 98 59.93 -23.13 21.52
N PRO A 99 58.68 -23.31 21.11
CA PRO A 99 57.59 -22.55 21.76
C PRO A 99 57.32 -22.95 23.20
N TRP A 100 57.23 -24.24 23.51
CA TRP A 100 56.70 -24.65 24.81
C TRP A 100 57.85 -24.74 25.82
N ALA A 101 58.61 -23.64 25.89
CA ALA A 101 59.77 -23.61 26.78
C ALA A 101 59.34 -23.60 28.25
N SER A 102 58.22 -22.93 28.55
CA SER A 102 57.74 -22.91 29.92
C SER A 102 57.33 -24.30 30.39
N SER A 103 56.71 -25.08 29.50
CA SER A 103 56.28 -26.42 29.87
C SER A 103 57.47 -27.31 30.21
N VAL A 104 58.54 -27.23 29.43
CA VAL A 104 59.73 -28.04 29.66
C VAL A 104 60.94 -27.12 29.76
N PRO A 105 61.14 -26.44 30.89
CA PRO A 105 62.31 -25.56 31.00
C PRO A 105 63.63 -26.33 31.09
N GLN A 106 63.62 -27.49 31.74
CA GLN A 106 64.82 -28.32 31.89
C GLN A 106 64.52 -29.72 31.36
N GLY A 107 64.71 -29.90 30.06
CA GLY A 107 64.53 -31.18 29.42
C GLY A 107 65.54 -31.36 28.30
N HIS A 108 65.93 -32.62 28.09
CA HIS A 108 67.03 -32.93 27.20
C HIS A 108 66.64 -34.03 26.22
N VAL A 109 67.34 -34.03 25.07
CA VAL A 109 67.18 -35.01 24.02
C VAL A 109 68.47 -35.80 23.92
N TYR A 110 68.38 -37.12 24.06
CA TYR A 110 69.58 -37.94 24.10
C TYR A 110 70.26 -38.01 22.74
N ARG A 111 71.58 -37.84 22.74
CA ARG A 111 72.38 -37.87 21.53
C ARG A 111 73.62 -38.71 21.78
N PHE A 112 74.01 -39.50 20.78
CA PHE A 112 75.22 -40.30 20.82
C PHE A 112 76.21 -39.80 19.78
N CYS A 113 77.47 -39.67 20.18
CA CYS A 113 78.56 -39.31 19.28
C CYS A 113 79.48 -40.51 19.12
N THR A 114 79.64 -40.97 17.88
CA THR A 114 80.47 -42.13 17.61
C THR A 114 81.95 -41.77 17.73
N ALA A 115 82.78 -42.80 17.94
CA ALA A 115 84.22 -42.62 18.03
C ALA A 115 84.84 -42.25 16.69
N GLU A 116 84.10 -42.36 15.59
CA GLU A 116 84.58 -42.00 14.27
C GLU A 116 84.29 -40.54 13.92
N GLY A 117 83.80 -39.75 14.87
CA GLY A 117 83.43 -38.38 14.59
C GLY A 117 82.22 -38.25 13.69
N LEU A 118 81.23 -39.12 13.85
CA LEU A 118 80.04 -39.12 13.03
C LEU A 118 78.83 -39.36 13.91
N TRP A 119 77.65 -39.08 13.35
CA TRP A 119 76.40 -39.29 14.06
C TRP A 119 76.14 -40.78 14.23
N LEU A 120 75.29 -41.12 15.20
CA LEU A 120 74.92 -42.51 15.39
C LEU A 120 74.02 -42.99 14.26
N GLN A 121 74.32 -44.19 13.74
CA GLN A 121 73.59 -44.76 12.62
C GLN A 121 72.64 -45.88 13.07
N LYS A 122 72.04 -45.74 14.25
CA LYS A 122 71.14 -46.77 14.74
C LYS A 122 69.91 -46.91 13.85
N ASP A 123 69.35 -45.78 13.41
CA ASP A 123 68.18 -45.81 12.55
C ASP A 123 68.55 -46.36 11.17
N ASN A 124 67.74 -47.29 10.67
CA ASN A 124 68.01 -47.87 9.36
C ASN A 124 67.41 -47.03 8.24
N SER A 125 66.19 -46.52 8.44
CA SER A 125 65.54 -45.73 7.39
C SER A 125 66.29 -44.43 7.11
N SER A 126 66.74 -43.76 8.16
CA SER A 126 67.48 -42.50 8.04
C SER A 126 68.82 -42.63 8.73
N LEU A 127 69.86 -42.03 8.15
CA LEU A 127 71.18 -42.08 8.77
C LEU A 127 71.23 -41.48 10.17
N PRO A 128 70.67 -40.30 10.45
CA PRO A 128 70.72 -39.79 11.83
C PRO A 128 69.64 -40.41 12.70
N TRP A 129 70.00 -40.78 13.92
CA TRP A 129 69.08 -41.38 14.87
C TRP A 129 69.13 -40.60 16.18
N ARG A 130 67.97 -40.34 16.78
CA ARG A 130 67.95 -39.75 18.15
C ARG A 130 66.56 -39.88 18.77
N ASP A 131 66.45 -39.70 20.09
CA ASP A 131 65.14 -39.75 20.78
C ASP A 131 64.84 -38.39 21.42
N LEU A 132 63.74 -37.74 21.02
CA LEU A 132 63.49 -36.32 21.37
C LEU A 132 62.07 -36.19 21.94
N SER A 133 61.47 -37.32 22.31
CA SER A 133 60.08 -37.32 22.85
C SER A 133 60.05 -36.46 24.12
N GLU A 134 61.08 -36.56 24.96
CA GLU A 134 61.18 -35.75 26.19
C GLU A 134 60.75 -34.30 25.89
N CYS A 135 61.33 -33.69 24.86
CA CYS A 135 61.14 -32.26 24.61
C CYS A 135 59.78 -31.99 23.99
N GLU A 136 59.12 -33.02 23.46
CA GLU A 136 57.82 -32.86 22.83
C GLU A 136 56.77 -32.28 23.79
N PRO A 146 37.25 -29.89 21.85
CA PRO A 146 38.59 -29.91 21.26
C PRO A 146 38.57 -29.71 19.75
N GLU A 147 39.19 -30.64 19.02
CA GLU A 147 39.22 -30.54 17.56
C GLU A 147 37.82 -30.68 16.96
N GLU A 148 37.03 -31.63 17.47
CA GLU A 148 35.71 -31.85 16.91
C GLU A 148 34.72 -30.76 17.31
N GLN A 149 35.06 -29.96 18.33
CA GLN A 149 34.17 -28.88 18.72
C GLN A 149 34.01 -27.88 17.58
N LEU A 150 35.11 -27.48 16.94
CA LEU A 150 35.01 -26.54 15.83
C LEU A 150 34.33 -27.17 14.63
N LEU A 151 34.69 -28.42 14.29
CA LEU A 151 34.28 -29.00 13.02
C LEU A 151 32.76 -29.06 12.89
N PHE A 152 32.07 -29.23 14.01
CA PHE A 152 30.60 -29.06 13.96
C PHE A 152 30.21 -27.58 13.97
N LEU A 153 30.76 -26.78 14.88
CA LEU A 153 30.36 -25.34 14.96
C LEU A 153 30.55 -24.68 13.59
N TYR A 154 31.73 -24.85 12.99
CA TYR A 154 32.03 -24.11 11.73
C TYR A 154 30.92 -24.41 10.73
N ILE A 155 30.49 -25.67 10.66
CA ILE A 155 29.38 -26.05 9.73
C ILE A 155 28.22 -25.08 9.92
N ILE A 156 27.72 -24.93 11.15
CA ILE A 156 26.54 -24.10 11.37
C ILE A 156 26.88 -22.62 11.19
N TYR A 157 28.09 -22.24 11.58
CA TYR A 157 28.53 -20.86 11.38
C TYR A 157 28.58 -20.49 9.91
N THR A 158 29.08 -21.40 9.08
CA THR A 158 29.23 -21.07 7.65
C THR A 158 27.98 -21.40 6.85
N VAL A 159 27.18 -22.37 7.28
CA VAL A 159 25.96 -22.69 6.54
C VAL A 159 24.94 -21.57 6.71
N GLY A 160 24.83 -21.00 7.91
CA GLY A 160 23.93 -19.88 8.11
C GLY A 160 24.27 -18.70 7.22
N TYR A 161 25.55 -18.33 7.18
CA TYR A 161 25.99 -17.29 6.26
C TYR A 161 25.85 -17.71 4.80
N ALA A 162 25.88 -19.01 4.53
CA ALA A 162 25.60 -19.47 3.16
C ALA A 162 24.14 -19.31 2.82
N LEU A 163 23.25 -19.52 3.79
CA LEU A 163 21.82 -19.35 3.57
C LEU A 163 21.34 -17.95 3.89
N SER A 164 22.02 -17.20 4.75
CA SER A 164 21.70 -15.79 4.90
C SER A 164 22.03 -15.02 3.63
N PHE A 165 23.22 -15.27 3.07
CA PHE A 165 23.58 -14.65 1.80
C PHE A 165 22.65 -15.08 0.69
N SER A 166 22.27 -16.37 0.67
CA SER A 166 21.40 -16.88 -0.39
C SER A 166 20.00 -16.27 -0.29
N ALA A 167 19.46 -16.17 0.92
CA ALA A 167 18.09 -15.70 1.09
C ALA A 167 17.97 -14.19 1.13
N LEU A 168 19.09 -13.45 1.14
CA LEU A 168 19.03 -11.99 1.13
C LEU A 168 19.23 -11.40 -0.25
N VAL A 169 19.99 -12.05 -1.13
CA VAL A 169 20.05 -11.59 -2.51
C VAL A 169 18.70 -11.80 -3.19
N ILE A 170 17.97 -12.86 -2.81
CA ILE A 170 16.63 -13.06 -3.34
C ILE A 170 15.68 -12.01 -2.78
N ALA A 171 15.75 -11.74 -1.47
CA ALA A 171 14.90 -10.72 -0.87
C ALA A 171 15.24 -9.33 -1.40
N SER A 172 16.53 -9.02 -1.53
CA SER A 172 16.93 -7.71 -2.03
C SER A 172 16.56 -7.51 -3.48
N ALA A 173 16.40 -8.58 -4.25
CA ALA A 173 15.97 -8.44 -5.64
C ALA A 173 14.47 -8.16 -5.73
N ILE A 174 13.67 -8.76 -4.84
CA ILE A 174 12.24 -8.53 -4.86
C ILE A 174 11.91 -7.09 -4.49
N LEU A 175 12.55 -6.57 -3.43
CA LEU A 175 12.25 -5.21 -2.99
C LEU A 175 12.60 -4.20 -4.06
N LEU A 176 13.65 -4.44 -4.83
CA LEU A 176 13.99 -3.59 -5.97
C LEU A 176 13.25 -3.97 -7.24
N GLY A 177 12.94 -5.25 -7.42
CA GLY A 177 12.23 -5.66 -8.62
C GLY A 177 10.84 -5.08 -8.70
N PHE A 178 10.09 -5.14 -7.62
CA PHE A 178 8.71 -4.66 -7.58
C PHE A 178 8.72 -3.19 -7.16
N ARG A 179 8.35 -2.32 -8.10
CA ARG A 179 8.39 -0.89 -7.83
C ARG A 179 7.30 -0.46 -6.86
N HIS A 180 6.29 -1.30 -6.64
CA HIS A 180 5.26 -0.94 -5.67
C HIS A 180 5.78 -1.03 -4.23
N LEU A 181 6.90 -1.71 -4.01
CA LEU A 181 7.49 -1.83 -2.69
C LEU A 181 8.52 -0.75 -2.39
N HIS A 182 8.57 0.32 -3.20
CA HIS A 182 9.54 1.38 -2.99
C HIS A 182 9.00 2.38 -1.98
N CYS A 183 9.52 2.32 -0.76
CA CYS A 183 9.13 3.23 0.30
C CYS A 183 10.40 3.61 1.05
N THR A 184 10.32 4.66 1.85
CA THR A 184 11.44 5.01 2.70
C THR A 184 11.73 3.93 3.73
N ARG A 185 10.72 3.13 4.11
CA ARG A 185 10.90 2.04 5.03
C ARG A 185 11.57 0.83 4.40
N ASN A 186 11.21 0.49 3.16
CA ASN A 186 11.87 -0.60 2.44
C ASN A 186 13.28 -0.24 2.00
N TYR A 187 13.59 1.04 1.87
CA TYR A 187 14.95 1.48 1.62
C TYR A 187 15.86 1.32 2.82
N ILE A 188 15.33 1.42 4.04
CA ILE A 188 16.12 1.10 5.22
C ILE A 188 16.41 -0.38 5.28
N HIS A 189 15.44 -1.22 4.89
CA HIS A 189 15.69 -2.65 4.80
C HIS A 189 16.58 -2.98 3.61
N LEU A 190 16.44 -2.24 2.51
CA LEU A 190 17.28 -2.48 1.34
C LEU A 190 18.75 -2.28 1.67
N ASN A 191 19.07 -1.22 2.41
CA ASN A 191 20.43 -1.04 2.86
C ASN A 191 20.79 -1.99 3.99
N LEU A 192 19.80 -2.36 4.80
CA LEU A 192 20.05 -3.34 5.86
C LEU A 192 20.41 -4.71 5.28
N PHE A 193 19.72 -5.11 4.21
CA PHE A 193 20.06 -6.36 3.54
C PHE A 193 21.46 -6.28 2.94
N ALA A 194 21.80 -5.14 2.34
CA ALA A 194 23.14 -4.97 1.81
C ALA A 194 24.19 -5.00 2.90
N SER A 195 23.85 -4.57 4.10
CA SER A 195 24.78 -4.65 5.21
C SER A 195 24.95 -6.07 5.73
N PHE A 196 23.88 -6.88 5.67
CA PHE A 196 24.01 -8.28 6.03
C PHE A 196 24.77 -9.05 4.96
N ILE A 197 24.58 -8.70 3.70
CA ILE A 197 25.29 -9.36 2.61
C ILE A 197 26.79 -9.07 2.71
N LEU A 198 27.13 -7.79 2.96
CA LEU A 198 28.53 -7.44 3.10
C LEU A 198 29.18 -8.03 4.35
N ARG A 199 28.40 -8.29 5.40
CA ARG A 199 28.93 -8.96 6.58
C ARG A 199 29.15 -10.44 6.34
N ALA A 200 28.22 -11.10 5.65
CA ALA A 200 28.42 -12.51 5.30
C ALA A 200 29.59 -12.67 4.33
N LEU A 201 29.69 -11.77 3.35
CA LEU A 201 30.79 -11.85 2.39
C LEU A 201 32.14 -11.69 3.07
N SER A 202 32.26 -10.70 3.96
CA SER A 202 33.54 -10.47 4.61
C SER A 202 33.92 -11.63 5.51
N VAL A 203 32.94 -12.42 5.97
CA VAL A 203 33.25 -13.63 6.72
C VAL A 203 33.84 -14.69 5.80
N PHE A 204 33.23 -14.90 4.64
CA PHE A 204 33.78 -15.86 3.69
C PHE A 204 35.16 -15.43 3.21
N ILE A 205 35.33 -14.15 2.89
CA ILE A 205 36.61 -13.66 2.39
C ILE A 205 37.72 -13.87 3.42
N LYS A 206 37.44 -13.51 4.67
CA LYS A 206 38.47 -13.61 5.68
C LYS A 206 38.75 -15.06 6.06
N ASP A 207 37.71 -15.82 6.38
CA ASP A 207 37.91 -17.21 6.87
C ASP A 207 38.46 -18.13 5.78
N ALA A 208 37.93 -18.06 4.56
CA ALA A 208 38.51 -18.88 3.46
C ALA A 208 39.96 -18.45 3.23
N ALA A 209 40.25 -17.14 3.28
CA ALA A 209 41.65 -16.68 3.14
C ALA A 209 42.51 -17.37 4.20
N LEU A 210 42.21 -17.14 5.47
CA LEU A 210 43.00 -17.74 6.58
C LEU A 210 43.22 -19.23 6.31
N LYS A 211 42.18 -19.95 5.86
CA LYS A 211 42.31 -21.42 5.69
C LYS A 211 43.26 -21.70 4.52
N TRP A 212 43.07 -21.02 3.40
CA TRP A 212 43.96 -21.23 2.22
C TRP A 212 45.36 -20.76 2.57
N MET A 213 45.48 -19.60 3.21
CA MET A 213 46.83 -19.04 3.52
C MET A 213 47.55 -19.94 4.53
N TYR A 214 46.87 -20.44 5.55
CA TYR A 214 47.60 -21.22 6.58
C TYR A 214 47.50 -22.72 6.36
N SER A 215 46.29 -23.29 6.31
CA SER A 215 46.14 -24.76 6.22
C SER A 215 46.69 -25.29 4.88
N THR A 216 46.36 -24.63 3.77
CA THR A 216 46.82 -25.10 2.44
C THR A 216 48.33 -24.98 2.36
N ALA A 217 48.88 -23.87 2.85
CA ALA A 217 50.35 -23.68 2.81
C ALA A 217 51.00 -24.71 3.72
N ALA A 218 50.56 -24.80 4.97
CA ALA A 218 51.10 -25.80 5.93
C ALA A 218 51.30 -27.13 5.19
N GLN A 219 50.26 -27.65 4.54
CA GLN A 219 50.39 -28.97 3.94
C GLN A 219 51.45 -28.98 2.86
N GLN A 220 51.52 -27.91 2.06
CA GLN A 220 52.47 -27.80 0.98
C GLN A 220 53.71 -26.99 1.34
N HIS A 221 53.97 -26.82 2.64
CA HIS A 221 55.23 -26.24 3.18
C HIS A 221 55.49 -24.81 2.68
N GLN A 222 54.46 -24.13 2.20
CA GLN A 222 54.63 -22.77 1.66
C GLN A 222 54.63 -21.75 2.80
N TRP A 223 55.56 -21.96 3.74
CA TRP A 223 55.64 -21.09 4.90
C TRP A 223 56.28 -19.75 4.56
N ASP A 224 57.25 -19.75 3.64
CA ASP A 224 57.88 -18.49 3.24
C ASP A 224 56.87 -17.58 2.54
N GLY A 225 56.08 -18.14 1.62
CA GLY A 225 55.03 -17.35 1.00
C GLY A 225 53.93 -16.97 1.98
N LEU A 226 53.65 -17.87 2.92
CA LEU A 226 52.61 -17.62 3.96
C LEU A 226 53.01 -16.37 4.76
N LEU A 227 54.27 -16.32 5.21
CA LEU A 227 54.72 -15.19 6.03
C LEU A 227 54.71 -13.90 5.22
N SER A 228 54.80 -14.01 3.89
CA SER A 228 54.72 -12.83 3.04
C SER A 228 53.34 -12.18 3.15
N TYR A 229 52.31 -12.98 3.41
CA TYR A 229 50.94 -12.40 3.55
C TYR A 229 50.81 -11.69 4.88
N GLN A 230 51.44 -12.21 5.92
CA GLN A 230 51.25 -11.67 7.29
C GLN A 230 51.67 -10.20 7.33
N ASP A 231 52.85 -9.87 6.82
CA ASP A 231 53.29 -8.49 6.82
C ASP A 231 52.75 -7.70 5.63
N SER A 232 52.05 -8.35 4.70
CA SER A 232 51.48 -7.66 3.56
C SER A 232 50.29 -6.81 3.99
N LEU A 233 49.95 -5.84 3.13
CA LEU A 233 48.79 -5.00 3.40
C LEU A 233 47.48 -5.72 3.17
N SER A 234 47.51 -6.93 2.61
CA SER A 234 46.28 -7.69 2.42
C SER A 234 45.68 -8.12 3.75
N CYS A 235 46.51 -8.40 4.75
CA CYS A 235 46.01 -8.59 6.11
C CYS A 235 45.23 -7.37 6.58
N ARG A 236 45.85 -6.20 6.48
CA ARG A 236 45.24 -5.00 7.05
C ARG A 236 43.94 -4.63 6.38
N LEU A 237 43.88 -4.74 5.05
CA LEU A 237 42.69 -4.31 4.33
C LEU A 237 41.58 -5.35 4.33
N VAL A 238 41.88 -6.61 4.66
CA VAL A 238 40.83 -7.62 4.78
C VAL A 238 40.31 -7.75 6.20
N PHE A 239 41.16 -7.53 7.21
CA PHE A 239 40.71 -7.54 8.59
C PHE A 239 40.09 -6.21 8.99
N LEU A 240 40.27 -5.16 8.17
CA LEU A 240 39.60 -3.89 8.40
C LEU A 240 38.30 -3.78 7.63
N LEU A 241 38.19 -4.38 6.45
CA LEU A 241 36.92 -4.51 5.77
C LEU A 241 35.93 -5.36 6.55
N MET A 242 36.41 -6.44 7.17
CA MET A 242 35.52 -7.27 8.01
C MET A 242 35.06 -6.42 9.20
N GLN A 243 35.97 -5.67 9.82
CA GLN A 243 35.60 -4.86 10.96
C GLN A 243 34.57 -3.80 10.58
N TYR A 244 34.73 -3.16 9.42
CA TYR A 244 33.76 -2.16 9.00
C TYR A 244 32.42 -2.80 8.66
N CYS A 245 32.43 -3.91 7.94
CA CYS A 245 31.19 -4.56 7.55
C CYS A 245 30.43 -5.06 8.76
N VAL A 246 31.15 -5.49 9.80
CA VAL A 246 30.48 -5.84 11.06
C VAL A 246 29.93 -4.60 11.74
N ALA A 247 30.73 -3.53 11.83
CA ALA A 247 30.27 -2.31 12.49
C ALA A 247 29.12 -1.66 11.74
N ALA A 248 29.18 -1.66 10.41
CA ALA A 248 28.08 -1.09 9.63
C ALA A 248 26.83 -1.93 9.70
N ASN A 249 26.93 -3.19 10.15
CA ASN A 249 25.74 -3.99 10.38
C ASN A 249 25.04 -3.59 11.67
N TYR A 250 25.81 -3.33 12.72
CA TYR A 250 25.20 -2.97 13.99
C TYR A 250 24.65 -1.55 13.99
N TYR A 251 25.07 -0.72 13.05
CA TYR A 251 24.55 0.63 12.94
C TYR A 251 23.43 0.77 11.93
N TRP A 252 23.18 -0.26 11.12
CA TRP A 252 21.98 -0.31 10.31
C TRP A 252 20.84 -1.01 11.03
N LEU A 253 21.15 -1.77 12.08
CA LEU A 253 20.11 -2.21 13.01
C LEU A 253 19.71 -1.09 13.95
N LEU A 254 20.63 -0.16 14.24
CA LEU A 254 20.27 1.05 14.98
C LEU A 254 19.39 1.97 14.12
N VAL A 255 19.80 2.22 12.88
CA VAL A 255 19.02 3.08 12.00
C VAL A 255 17.65 2.48 11.76
N GLU A 256 17.57 1.16 11.68
CA GLU A 256 16.28 0.49 11.61
C GLU A 256 15.46 0.75 12.86
N GLY A 257 16.10 0.74 14.03
CA GLY A 257 15.42 1.00 15.28
C GLY A 257 15.07 2.46 15.49
N VAL A 258 15.95 3.37 15.10
CA VAL A 258 15.68 4.79 15.27
C VAL A 258 14.57 5.24 14.33
N TYR A 259 14.55 4.72 13.10
CA TYR A 259 13.46 5.07 12.19
C TYR A 259 12.13 4.57 12.72
N LEU A 260 12.09 3.36 13.27
CA LEU A 260 10.85 2.83 13.81
C LEU A 260 10.38 3.61 15.03
N TYR A 261 11.31 4.11 15.84
CA TYR A 261 10.94 4.94 16.98
C TYR A 261 10.49 6.32 16.54
N THR A 262 11.08 6.84 15.46
CA THR A 262 10.66 8.13 14.93
C THR A 262 9.25 8.06 14.37
N LEU A 263 8.90 7.00 13.70
CA LEU A 263 7.54 6.82 13.19
C LEU A 263 6.52 6.84 14.34
N LEU A 264 6.71 6.07 15.39
CA LEU A 264 5.73 5.98 16.50
C LEU A 264 5.71 7.32 17.26
N ALA A 265 6.79 7.74 17.91
CA ALA A 265 6.83 9.08 18.54
C ALA A 265 7.23 10.08 17.46
N PHE A 266 6.31 10.47 16.56
CA PHE A 266 6.73 11.22 15.34
C PHE A 266 6.93 12.72 15.63
N SER A 267 7.78 13.35 14.83
CA SER A 267 8.16 14.80 15.00
C SER A 267 8.55 15.31 13.61
N VAL A 268 8.95 16.57 13.49
CA VAL A 268 9.23 17.13 12.13
C VAL A 268 10.32 16.28 11.47
N PHE A 269 10.10 15.86 10.21
CA PHE A 269 11.14 15.08 9.48
C PHE A 269 10.91 15.13 7.96
N SER A 270 11.81 15.83 7.26
CA SER A 270 11.98 15.81 5.79
C SER A 270 12.49 14.44 5.40
N GLU A 271 11.62 13.62 4.81
CA GLU A 271 12.01 12.25 4.40
C GLU A 271 13.16 12.35 3.40
N GLN A 272 13.22 13.42 2.61
CA GLN A 272 14.41 13.67 1.76
C GLN A 272 15.64 13.89 2.65
N TRP A 273 15.48 14.58 3.76
CA TRP A 273 16.64 14.97 4.59
C TRP A 273 16.71 14.08 5.81
N ILE A 274 16.01 12.95 5.80
CA ILE A 274 16.15 11.98 6.92
C ILE A 274 16.39 10.62 6.31
N PHE A 275 16.62 10.56 5.00
CA PHE A 275 17.29 9.39 4.35
C PHE A 275 18.68 9.86 3.95
N ARG A 276 19.16 10.94 4.58
CA ARG A 276 20.51 11.44 4.33
C ARG A 276 21.22 11.44 5.67
N LEU A 277 20.47 11.43 6.75
CA LEU A 277 21.11 11.26 8.09
C LEU A 277 20.91 9.80 8.49
N TYR A 278 20.33 8.98 7.62
CA TYR A 278 20.19 7.53 7.92
C TYR A 278 21.25 6.84 7.14
N VAL A 279 21.48 7.27 5.92
CA VAL A 279 22.59 6.67 5.19
C VAL A 279 23.92 7.21 5.70
N SER A 280 23.97 8.45 6.17
CA SER A 280 25.21 8.99 6.72
C SER A 280 25.53 8.38 8.08
N ILE A 281 24.54 7.78 8.74
CA ILE A 281 24.80 7.08 9.99
C ILE A 281 24.94 5.58 9.76
N GLY A 282 24.17 5.01 8.84
CA GLY A 282 24.30 3.59 8.57
C GLY A 282 25.64 3.22 7.99
N TRP A 283 26.13 4.02 7.05
CA TRP A 283 27.40 3.77 6.37
C TRP A 283 28.51 4.73 6.76
N GLY A 284 28.17 5.93 7.23
CA GLY A 284 29.20 6.93 7.48
C GLY A 284 29.78 6.86 8.88
N VAL A 285 28.91 6.74 9.88
CA VAL A 285 29.40 6.69 11.27
C VAL A 285 30.26 5.47 11.55
N PRO A 286 29.92 4.26 11.09
CA PRO A 286 30.84 3.13 11.31
C PRO A 286 32.23 3.39 10.76
N LEU A 287 32.33 4.07 9.63
CA LEU A 287 33.64 4.46 9.11
C LEU A 287 34.31 5.51 9.97
N LEU A 288 33.56 6.16 10.86
CA LEU A 288 34.12 7.27 11.63
C LEU A 288 34.92 6.78 12.84
N PHE A 289 34.74 5.53 13.26
CA PHE A 289 35.58 4.98 14.32
C PHE A 289 36.33 3.71 13.92
N VAL A 290 35.88 3.01 12.87
CA VAL A 290 36.66 1.90 12.35
C VAL A 290 37.98 2.39 11.77
N VAL A 291 37.93 3.48 10.99
CA VAL A 291 39.15 4.01 10.40
C VAL A 291 40.12 4.56 11.45
N PRO A 292 39.70 5.37 12.42
CA PRO A 292 40.64 5.75 13.50
C PRO A 292 41.14 4.57 14.30
N TRP A 293 40.36 3.49 14.40
CA TRP A 293 40.89 2.26 14.97
C TRP A 293 41.97 1.67 14.07
N GLY A 294 41.79 1.75 12.75
CA GLY A 294 42.78 1.22 11.84
C GLY A 294 44.09 2.01 11.86
N ILE A 295 44.02 3.31 12.14
CA ILE A 295 45.23 4.12 12.21
C ILE A 295 46.07 3.80 13.43
N VAL A 296 45.47 3.62 14.59
CA VAL A 296 46.21 3.25 15.79
C VAL A 296 46.70 1.80 15.71
N LYS A 297 45.97 0.94 15.01
CA LYS A 297 46.39 -0.43 14.80
C LYS A 297 47.52 -0.54 13.80
N TYR A 298 47.82 0.52 13.07
CA TYR A 298 48.93 0.53 12.12
C TYR A 298 50.12 1.34 12.62
N LEU A 299 49.88 2.53 13.19
CA LEU A 299 50.96 3.30 13.80
C LEU A 299 51.54 2.54 14.98
N TYR A 300 50.70 1.91 15.78
CA TYR A 300 51.11 1.10 16.91
C TYR A 300 50.59 -0.33 16.74
N GLU A 301 51.27 -1.25 17.42
CA GLU A 301 50.85 -2.66 17.54
C GLU A 301 50.43 -3.26 16.21
N ASP A 302 51.30 -3.11 15.20
CA ASP A 302 51.11 -3.71 13.89
C ASP A 302 52.07 -4.87 13.66
N GLU A 303 52.39 -5.65 14.69
CA GLU A 303 53.40 -6.69 14.54
C GLU A 303 52.83 -7.92 13.83
N GLY A 304 51.84 -8.57 14.44
CA GLY A 304 51.30 -9.77 13.85
C GLY A 304 49.95 -9.57 13.20
N CYS A 305 49.93 -9.45 11.87
CA CYS A 305 48.72 -9.19 11.08
C CYS A 305 48.02 -8.01 11.75
N TRP A 306 46.73 -8.13 12.12
CA TRP A 306 46.11 -7.19 13.05
C TRP A 306 45.35 -7.86 14.18
N THR A 307 45.39 -9.19 14.29
CA THR A 307 44.64 -9.90 15.32
C THR A 307 45.57 -10.15 16.51
N ARG A 308 45.75 -9.13 17.34
CA ARG A 308 46.49 -9.31 18.58
C ARG A 308 45.62 -9.03 19.80
N ASN A 309 44.99 -7.85 19.81
CA ASN A 309 44.27 -7.33 20.98
C ASN A 309 45.17 -7.26 22.21
N SER A 310 46.45 -6.95 22.00
CA SER A 310 47.40 -6.93 23.12
C SER A 310 47.05 -5.86 24.13
N ASN A 311 46.68 -4.66 23.66
CA ASN A 311 46.27 -3.57 24.52
C ASN A 311 44.75 -3.49 24.47
N MET A 312 44.11 -3.72 25.62
CA MET A 312 42.65 -3.71 25.68
C MET A 312 42.06 -2.34 25.49
N ASN A 313 42.82 -1.27 25.75
CA ASN A 313 42.30 0.08 25.55
C ASN A 313 42.19 0.46 24.08
N TYR A 314 42.89 -0.25 23.20
CA TYR A 314 42.80 0.04 21.77
C TYR A 314 41.71 -0.76 21.07
N TRP A 315 41.09 -1.72 21.75
CA TRP A 315 39.92 -2.40 21.21
C TRP A 315 38.63 -1.68 21.58
N LEU A 316 38.70 -0.70 22.50
CA LEU A 316 37.50 0.01 22.89
C LEU A 316 37.04 0.97 21.80
N ILE A 317 37.94 1.34 20.88
CA ILE A 317 37.57 2.23 19.79
C ILE A 317 36.54 1.59 18.88
N ILE A 318 36.61 0.28 18.69
CA ILE A 318 35.67 -0.42 17.83
C ILE A 318 34.65 -1.22 18.63
N ARG A 319 34.81 -1.29 19.95
CA ARG A 319 33.87 -2.01 20.81
C ARG A 319 32.87 -1.11 21.51
N LEU A 320 33.30 0.03 22.05
CA LEU A 320 32.36 0.93 22.71
C LEU A 320 31.30 1.46 21.75
N PRO A 321 31.63 1.98 20.57
CA PRO A 321 30.56 2.41 19.65
C PRO A 321 29.63 1.29 19.24
N ILE A 322 30.11 0.06 19.15
CA ILE A 322 29.22 -1.06 18.85
C ILE A 322 28.26 -1.29 20.01
N LEU A 323 28.76 -1.18 21.26
CA LEU A 323 27.88 -1.34 22.41
C LEU A 323 26.80 -0.27 22.44
N PHE A 324 27.13 0.94 21.99
CA PHE A 324 26.13 1.99 21.92
C PHE A 324 25.01 1.64 20.96
N ALA A 325 25.33 1.01 19.83
CA ALA A 325 24.32 0.57 18.88
C ALA A 325 23.51 -0.61 19.38
N ILE A 326 24.00 -1.33 20.38
CA ILE A 326 23.28 -2.44 20.98
C ILE A 326 22.53 -2.01 22.24
N GLY A 327 23.11 -1.06 22.98
CA GLY A 327 22.40 -0.52 24.13
C GLY A 327 21.17 0.28 23.73
N VAL A 328 21.28 1.08 22.66
CA VAL A 328 20.16 1.91 22.25
C VAL A 328 19.02 1.06 21.68
N ASN A 329 19.34 0.10 20.81
CA ASN A 329 18.29 -0.75 20.24
C ASN A 329 17.55 -1.54 21.31
N PHE A 330 18.19 -1.78 22.45
CA PHE A 330 17.45 -2.41 23.55
C PHE A 330 16.42 -1.45 24.12
N LEU A 331 16.79 -0.18 24.31
CA LEU A 331 15.83 0.81 24.81
C LEU A 331 14.69 1.00 23.81
N ILE A 332 15.00 1.06 22.53
CA ILE A 332 13.95 1.15 21.51
C ILE A 332 13.11 -0.12 21.53
N PHE A 333 13.74 -1.27 21.75
CA PHE A 333 12.97 -2.50 21.87
C PHE A 333 12.06 -2.47 23.08
N VAL A 334 12.52 -1.89 24.18
CA VAL A 334 11.66 -1.75 25.35
C VAL A 334 10.54 -0.76 25.09
N ARG A 335 10.86 0.41 24.51
CA ARG A 335 9.84 1.42 24.28
C ARG A 335 8.82 0.97 23.24
N VAL A 336 9.26 0.34 22.17
CA VAL A 336 8.33 -0.11 21.15
C VAL A 336 7.41 -1.20 21.72
N ILE A 337 7.97 -2.12 22.50
CA ILE A 337 7.14 -3.14 23.14
C ILE A 337 6.21 -2.50 24.17
N CYS A 338 6.68 -1.47 24.87
CA CYS A 338 5.82 -0.71 25.77
C CYS A 338 4.71 0.02 25.02
N ILE A 339 4.84 0.16 23.71
CA ILE A 339 3.77 0.71 22.88
C ILE A 339 2.87 -0.39 22.34
N VAL A 340 3.46 -1.51 21.91
CA VAL A 340 2.66 -2.62 21.38
C VAL A 340 1.76 -3.17 22.47
N VAL A 341 2.25 -3.23 23.71
CA VAL A 341 1.39 -3.66 24.82
C VAL A 341 0.36 -2.60 25.13
N SER A 342 0.70 -1.32 24.94
CA SER A 342 -0.26 -0.25 25.15
C SER A 342 -1.43 -0.36 24.18
N LYS A 343 -1.12 -0.56 22.89
CA LYS A 343 -2.18 -0.71 21.90
C LYS A 343 -2.98 -1.98 22.10
N LEU A 344 -2.41 -3.02 22.71
CA LEU A 344 -3.12 -4.26 22.95
C LEU A 344 -3.90 -4.24 24.26
N LYS A 345 -3.66 -3.27 25.13
CA LYS A 345 -4.45 -3.08 26.32
C LYS A 345 -5.57 -2.07 26.11
N ALA A 346 -5.82 -1.73 24.85
CA ALA A 346 -7.02 -0.93 24.49
C ALA A 346 -7.90 -1.75 23.54
N ASN A 347 -7.29 -2.64 22.78
CA ASN A 347 -8.11 -3.52 21.92
C ASN A 347 -8.82 -4.54 22.81
N LEU A 348 -8.53 -4.55 24.13
CA LEU A 348 -9.21 -5.57 24.96
C LEU A 348 -10.71 -5.34 24.94
N ASP A 353 -6.07 -13.17 24.53
CA ASP A 353 -4.81 -13.35 25.31
C ASP A 353 -3.72 -12.41 24.77
N ILE A 354 -3.13 -11.60 25.64
CA ILE A 354 -2.02 -10.67 25.25
C ILE A 354 -0.77 -11.52 24.98
N LYS A 355 -0.79 -12.78 25.40
CA LYS A 355 0.35 -13.70 25.17
C LYS A 355 0.60 -13.82 23.65
N CYS A 356 -0.38 -14.34 22.91
CA CYS A 356 -0.16 -14.76 21.50
C CYS A 356 0.22 -13.55 20.64
N ARG A 357 -0.56 -12.46 20.70
CA ARG A 357 -0.30 -11.27 19.84
C ARG A 357 1.05 -10.63 20.17
N LEU A 358 1.41 -10.54 21.45
CA LEU A 358 2.67 -9.85 21.84
C LEU A 358 3.85 -10.81 21.74
N ALA A 359 3.58 -12.12 21.67
CA ALA A 359 4.64 -13.13 21.42
C ALA A 359 5.18 -12.92 20.01
N LYS A 360 4.29 -12.82 19.05
CA LYS A 360 4.69 -12.68 17.64
C LYS A 360 5.39 -11.34 17.42
N SER A 361 4.99 -10.25 18.06
CA SER A 361 5.69 -8.95 17.95
C SER A 361 7.09 -8.98 18.56
N THR A 362 7.23 -9.50 19.77
CA THR A 362 8.52 -9.48 20.47
C THR A 362 9.48 -10.38 19.71
N LEU A 363 8.98 -11.49 19.18
CA LEU A 363 9.82 -12.47 18.44
C LEU A 363 10.27 -11.83 17.14
N THR A 364 9.35 -11.26 16.39
CA THR A 364 9.62 -10.70 15.08
C THR A 364 10.26 -9.32 15.15
N LEU A 365 10.56 -8.83 16.35
CA LEU A 365 11.26 -7.57 16.51
C LEU A 365 12.72 -7.76 16.87
N ILE A 366 13.08 -8.88 17.49
CA ILE A 366 14.48 -9.14 17.82
C ILE A 366 15.35 -9.24 16.58
N PRO A 367 14.99 -10.00 15.53
CA PRO A 367 15.83 -9.99 14.31
C PRO A 367 15.97 -8.60 13.69
N LEU A 368 14.92 -7.78 13.75
CA LEU A 368 14.99 -6.45 13.16
C LEU A 368 15.97 -5.56 13.92
N LEU A 369 15.90 -5.57 15.24
CA LEU A 369 16.75 -4.72 16.06
C LEU A 369 18.02 -5.41 16.54
N GLY A 370 18.16 -6.71 16.31
CA GLY A 370 19.33 -7.42 16.78
C GLY A 370 19.52 -7.34 18.27
N THR A 371 18.43 -7.40 19.03
CA THR A 371 18.47 -7.22 20.48
C THR A 371 18.83 -8.49 21.23
N HIS A 372 19.05 -9.60 20.53
CA HIS A 372 19.44 -10.83 21.20
C HIS A 372 20.81 -10.71 21.87
N GLU A 373 21.59 -9.70 21.47
CA GLU A 373 22.91 -9.52 22.06
C GLU A 373 22.79 -9.24 23.56
N VAL A 374 21.87 -8.35 23.94
CA VAL A 374 21.65 -8.10 25.35
C VAL A 374 20.87 -9.24 26.00
N ILE A 375 19.88 -9.80 25.29
CA ILE A 375 19.08 -10.88 25.86
C ILE A 375 19.95 -12.08 26.20
N PHE A 376 20.78 -12.53 25.25
CA PHE A 376 21.65 -13.67 25.52
C PHE A 376 22.64 -13.37 26.63
N ALA A 377 22.99 -12.09 26.82
CA ALA A 377 23.99 -11.74 27.82
C ALA A 377 23.47 -11.97 29.24
N PHE A 378 22.19 -11.71 29.48
CA PHE A 378 21.67 -11.68 30.83
C PHE A 378 20.49 -12.62 31.07
N VAL A 379 19.68 -12.89 30.04
CA VAL A 379 18.47 -13.70 30.26
C VAL A 379 18.84 -15.11 30.69
N MET A 380 19.80 -15.73 30.01
CA MET A 380 20.20 -17.08 30.38
C MET A 380 20.95 -17.07 31.71
N GLY A 386 31.90 -22.78 33.03
CA GLY A 386 30.46 -22.82 32.71
C GLY A 386 30.07 -21.75 31.71
N THR A 387 30.71 -20.58 31.78
CA THR A 387 30.41 -19.47 30.85
C THR A 387 30.76 -19.91 29.41
N LEU A 388 31.91 -20.56 29.24
CA LEU A 388 32.30 -21.06 27.89
C LEU A 388 31.79 -22.50 27.76
N ARG A 389 30.77 -22.73 26.91
CA ARG A 389 30.16 -24.08 26.79
C ARG A 389 29.57 -24.26 25.38
N PHE A 390 29.32 -25.50 24.96
CA PHE A 390 28.69 -25.77 23.65
C PHE A 390 27.35 -25.06 23.58
N ILE A 391 26.54 -25.11 24.65
CA ILE A 391 25.19 -24.52 24.55
C ILE A 391 25.33 -23.02 24.30
N LYS A 392 26.22 -22.33 25.03
CA LYS A 392 26.29 -20.86 24.88
C LYS A 392 26.79 -20.47 23.48
N LEU A 393 27.88 -21.09 23.03
CA LEU A 393 28.45 -20.70 21.72
C LEU A 393 27.43 -21.08 20.65
N PHE A 394 26.84 -22.26 20.80
CA PHE A 394 25.86 -22.72 19.78
C PHE A 394 24.66 -21.79 19.75
N THR A 395 24.40 -21.03 20.85
CA THR A 395 23.29 -20.11 20.64
C THR A 395 23.75 -18.79 20.04
N GLU A 396 24.87 -18.28 20.55
CA GLU A 396 25.32 -16.91 20.25
C GLU A 396 25.92 -16.87 18.84
N LEU A 397 25.99 -18.04 18.19
CA LEU A 397 26.47 -18.10 16.78
C LEU A 397 25.26 -18.37 15.88
N SER A 398 24.54 -19.47 16.13
CA SER A 398 23.47 -19.86 15.22
C SER A 398 22.47 -18.75 15.00
N PHE A 399 22.12 -18.01 16.04
CA PHE A 399 21.06 -17.02 15.87
C PHE A 399 21.58 -15.85 15.05
N THR A 400 22.85 -15.49 15.23
CA THR A 400 23.44 -14.40 14.45
C THR A 400 23.70 -14.83 13.01
N SER A 401 24.20 -16.05 12.81
CA SER A 401 24.47 -16.51 11.45
C SER A 401 23.18 -16.60 10.64
N PHE A 402 22.10 -17.06 11.27
CA PHE A 402 20.80 -17.13 10.64
C PHE A 402 19.99 -15.85 10.82
N GLN A 403 20.56 -14.83 11.44
CA GLN A 403 19.84 -13.56 11.57
C GLN A 403 19.57 -12.95 10.21
N GLY A 404 20.56 -13.01 9.30
CA GLY A 404 20.34 -12.52 7.96
C GLY A 404 19.23 -13.24 7.24
N LEU A 405 19.08 -14.55 7.49
CA LEU A 405 17.99 -15.30 6.88
C LEU A 405 16.64 -14.88 7.44
N MET A 406 16.54 -14.79 8.76
CA MET A 406 15.26 -14.49 9.41
C MET A 406 14.77 -13.09 9.06
N VAL A 407 15.69 -12.13 8.97
CA VAL A 407 15.31 -10.78 8.57
C VAL A 407 14.73 -10.80 7.16
N ALA A 408 15.28 -11.64 6.28
CA ALA A 408 14.73 -11.82 4.95
C ALA A 408 13.51 -12.73 4.93
N ILE A 409 13.22 -13.42 6.02
CA ILE A 409 12.01 -14.24 6.11
C ILE A 409 10.89 -13.54 6.86
N LEU A 410 11.20 -12.64 7.79
CA LEU A 410 10.15 -11.93 8.52
C LEU A 410 9.73 -10.64 7.82
N TYR A 411 10.68 -9.88 7.29
CA TYR A 411 10.40 -8.61 6.65
C TYR A 411 10.46 -8.72 5.13
N CYS A 412 10.32 -9.93 4.63
CA CYS A 412 10.18 -10.30 3.22
C CYS A 412 9.82 -11.77 3.20
N PHE A 413 9.24 -12.22 2.09
CA PHE A 413 8.84 -13.61 1.87
C PHE A 413 7.62 -13.98 2.69
N VAL A 414 7.23 -13.13 3.64
CA VAL A 414 5.96 -13.27 4.34
C VAL A 414 5.21 -11.95 4.45
N ASN A 415 5.84 -10.82 4.16
CA ASN A 415 5.19 -9.53 4.27
C ASN A 415 3.94 -9.49 3.39
N ASN A 416 2.86 -8.93 3.94
CA ASN A 416 1.60 -8.91 3.21
C ASN A 416 1.73 -8.09 1.94
N GLU A 417 2.45 -6.97 1.99
CA GLU A 417 2.67 -6.18 0.78
C GLU A 417 3.49 -6.96 -0.24
N VAL A 418 4.52 -7.66 0.24
CA VAL A 418 5.53 -8.31 -0.66
C VAL A 418 4.91 -9.57 -1.27
N GLN A 419 4.31 -10.43 -0.44
CA GLN A 419 3.62 -11.64 -0.95
C GLN A 419 2.54 -11.24 -1.94
N LEU A 420 1.65 -10.32 -1.55
CA LEU A 420 0.50 -9.92 -2.41
C LEU A 420 1.01 -9.44 -3.76
N GLU A 421 2.17 -8.78 -3.77
CA GLU A 421 2.76 -8.28 -5.04
C GLU A 421 3.06 -9.48 -5.95
N PHE A 422 3.59 -10.57 -5.39
CA PHE A 422 3.86 -11.80 -6.17
C PHE A 422 2.55 -12.35 -6.72
N ARG A 423 1.51 -12.39 -5.88
CA ARG A 423 0.19 -12.94 -6.30
C ARG A 423 -0.33 -12.10 -7.47
N LYS A 424 -0.23 -10.77 -7.36
CA LYS A 424 -0.57 -9.87 -8.50
C LYS A 424 0.20 -10.34 -9.73
N SER A 425 1.53 -10.37 -9.64
CA SER A 425 2.40 -10.54 -10.83
C SER A 425 2.16 -11.91 -11.44
N TRP A 426 2.01 -12.94 -10.59
CA TRP A 426 1.72 -14.30 -11.10
C TRP A 426 0.39 -14.31 -11.86
N GLU A 427 -0.62 -13.63 -11.31
CA GLU A 427 -1.94 -13.55 -11.99
C GLU A 427 -1.79 -12.93 -13.38
N ARG A 428 -0.99 -11.86 -13.51
CA ARG A 428 -0.75 -11.27 -14.85
C ARG A 428 -0.01 -12.27 -15.74
N TRP A 429 0.99 -12.98 -15.19
CA TRP A 429 1.78 -13.99 -15.94
C TRP A 429 0.86 -14.93 -16.73
N PHE B 1 29.69 -11.73 21.22
CA PHE B 1 28.52 -11.06 20.61
C PHE B 1 28.60 -11.22 19.08
N GLY B 2 29.42 -10.41 18.40
CA GLY B 2 29.63 -10.58 16.96
C GLY B 2 30.45 -11.84 16.72
N GLU B 3 30.97 -12.40 17.83
CA GLU B 3 31.85 -13.59 17.78
C GLU B 3 33.11 -13.24 16.97
N GLY B 4 33.64 -12.04 17.16
CA GLY B 4 35.03 -11.74 16.79
C GLY B 4 35.89 -12.75 17.52
N THR B 5 35.44 -13.17 18.72
CA THR B 5 36.16 -14.21 19.48
C THR B 5 36.23 -15.48 18.63
N PHE B 6 35.13 -15.86 17.98
CA PHE B 6 35.20 -17.04 17.05
C PHE B 6 36.18 -16.70 15.93
N THR B 7 36.16 -15.46 15.45
CA THR B 7 37.10 -15.02 14.38
C THR B 7 38.53 -15.18 14.91
N SER B 8 38.76 -14.86 16.18
CA SER B 8 40.11 -15.09 16.77
C SER B 8 40.26 -16.58 17.11
N ASP B 9 39.24 -17.18 17.71
CA ASP B 9 39.27 -18.59 18.09
C ASP B 9 39.52 -19.48 16.89
N LEU B 10 38.88 -19.17 15.75
CA LEU B 10 39.21 -19.88 14.51
C LEU B 10 40.66 -19.64 14.14
N SER B 11 41.11 -18.41 14.32
CA SER B 11 42.54 -18.11 14.05
C SER B 11 43.40 -18.89 15.04
N LYS B 12 43.09 -18.79 16.33
CA LYS B 12 43.96 -19.36 17.35
C LYS B 12 44.12 -20.86 17.17
N GLN B 13 43.03 -21.62 17.31
CA GLN B 13 43.12 -23.08 17.26
C GLN B 13 43.81 -23.54 15.98
N MET B 14 43.65 -22.74 14.93
CA MET B 14 44.34 -22.94 13.63
C MET B 14 45.83 -22.61 13.74
N GLU B 15 46.14 -21.45 14.33
CA GLU B 15 47.54 -20.95 14.45
C GLU B 15 48.43 -22.00 15.13
N GLU B 16 47.92 -22.62 16.19
CA GLU B 16 48.68 -23.63 16.96
C GLU B 16 48.97 -24.84 16.08
N GLU B 17 47.94 -25.34 15.39
CA GLU B 17 48.06 -26.39 14.39
C GLU B 17 48.89 -25.91 13.20
N ALA B 18 48.80 -24.61 12.90
CA ALA B 18 49.73 -24.01 11.91
C ALA B 18 51.16 -24.14 12.43
N VAL B 19 51.37 -23.78 13.70
CA VAL B 19 52.68 -23.96 14.32
C VAL B 19 53.02 -25.44 14.43
N ARG B 20 52.00 -26.29 14.60
CA ARG B 20 52.25 -27.72 14.74
C ARG B 20 53.04 -28.24 13.55
N LEU B 21 52.55 -27.95 12.34
CA LEU B 21 53.18 -28.48 11.14
C LEU B 21 54.58 -27.93 10.96
N PHE B 22 54.77 -26.64 11.25
CA PHE B 22 56.07 -26.02 11.06
C PHE B 22 57.13 -26.68 11.92
N ILE B 23 56.81 -26.93 13.20
CA ILE B 23 57.76 -27.61 14.08
C ILE B 23 57.89 -29.08 13.69
N GLU B 24 56.77 -29.74 13.39
CA GLU B 24 56.82 -31.16 13.07
C GLU B 24 57.65 -31.40 11.81
N TRP B 25 57.43 -30.60 10.78
CA TRP B 25 58.31 -30.65 9.62
C TRP B 25 59.73 -30.25 9.99
N LEU B 26 59.87 -29.24 10.85
CA LEU B 26 61.19 -28.77 11.24
C LEU B 26 61.97 -29.87 11.97
N LYS B 27 61.25 -30.75 12.67
CA LYS B 27 61.87 -31.95 13.22
C LYS B 27 62.43 -32.84 12.12
N ASN B 28 61.69 -33.01 11.03
CA ASN B 28 62.13 -33.87 9.93
C ASN B 28 62.88 -33.07 8.88
N ASP C 11 15.57 23.90 -33.17
CA ASP C 11 15.83 22.46 -33.21
C ASP C 11 15.17 21.73 -32.04
N GLN C 12 15.02 20.41 -32.18
CA GLN C 12 14.37 19.63 -31.14
C GLN C 12 15.20 19.58 -29.87
N ARG C 13 16.53 19.46 -30.00
CA ARG C 13 17.38 19.33 -28.83
C ARG C 13 17.32 20.59 -27.96
N ASN C 14 17.32 21.77 -28.59
CA ASN C 14 17.33 23.02 -27.83
C ASN C 14 16.05 23.18 -27.03
N GLU C 15 14.90 22.83 -27.62
CA GLU C 15 13.64 23.00 -26.92
C GLU C 15 13.38 21.86 -25.95
N GLU C 16 13.96 20.69 -26.19
CA GLU C 16 13.82 19.59 -25.24
C GLU C 16 14.57 19.88 -23.95
N LYS C 17 15.62 20.71 -24.01
CA LYS C 17 16.25 21.17 -22.78
C LYS C 17 15.30 22.01 -21.96
N ALA C 18 14.55 22.90 -22.61
CA ALA C 18 13.57 23.72 -21.91
C ALA C 18 12.44 22.87 -21.34
N GLN C 19 12.04 21.81 -22.07
CA GLN C 19 11.00 20.93 -21.56
C GLN C 19 11.49 20.12 -20.37
N ARG C 20 12.75 19.70 -20.37
CA ARG C 20 13.33 19.08 -19.19
C ARG C 20 13.56 20.07 -18.05
N GLU C 21 13.91 21.31 -18.36
CA GLU C 21 14.04 22.31 -17.31
C GLU C 21 12.69 22.61 -16.65
N ALA C 22 11.63 22.75 -17.45
CA ALA C 22 10.31 23.03 -16.91
C ALA C 22 9.83 21.90 -16.01
N ASN C 23 10.12 20.65 -16.40
CA ASN C 23 9.77 19.53 -15.54
C ASN C 23 10.53 19.58 -14.23
N LYS C 24 11.81 19.95 -14.29
CA LYS C 24 12.64 19.98 -13.08
C LYS C 24 12.14 21.01 -12.08
N LYS C 25 11.70 22.17 -12.56
CA LYS C 25 11.15 23.19 -11.66
C LYS C 25 9.87 22.68 -10.99
N ILE C 26 9.04 21.96 -11.75
CA ILE C 26 7.82 21.40 -11.19
C ILE C 26 8.14 20.38 -10.12
N GLU C 27 9.09 19.49 -10.39
CA GLU C 27 9.46 18.45 -9.43
C GLU C 27 9.98 19.03 -8.13
N LYS C 28 10.72 20.13 -8.18
CA LYS C 28 11.19 20.77 -6.96
C LYS C 28 10.03 21.30 -6.13
N GLN C 29 9.02 21.88 -6.79
CA GLN C 29 7.85 22.35 -6.07
C GLN C 29 6.97 21.20 -5.60
N LEU C 30 6.80 20.17 -6.41
CA LEU C 30 6.01 19.01 -6.01
C LEU C 30 6.60 18.29 -4.80
N GLN C 31 7.89 18.46 -4.53
CA GLN C 31 8.51 17.94 -3.32
C GLN C 31 8.16 18.79 -2.10
N LYS C 32 8.13 20.11 -2.28
CA LYS C 32 7.68 20.98 -1.20
C LYS C 32 6.21 20.75 -0.88
N ASP C 33 5.39 20.56 -1.92
CA ASP C 33 3.98 20.22 -1.71
C ASP C 33 3.83 18.86 -1.06
N LYS C 34 4.74 17.91 -1.31
CA LYS C 34 4.60 16.54 -0.72
C LYS C 34 4.88 16.61 0.78
N GLN C 35 5.82 17.47 1.18
CA GLN C 35 6.17 17.63 2.61
C GLN C 35 4.93 18.02 3.39
N VAL C 36 4.24 19.07 2.93
CA VAL C 36 3.09 19.66 3.66
C VAL C 36 1.92 18.70 3.56
N TYR C 37 1.82 17.95 2.48
CA TYR C 37 0.71 17.01 2.38
C TYR C 37 0.83 15.89 3.42
N ARG C 38 2.02 15.33 3.59
CA ARG C 38 2.19 14.23 4.54
C ARG C 38 2.24 14.74 5.99
N ALA C 39 2.61 15.99 6.20
CA ALA C 39 2.66 16.56 7.53
C ALA C 39 1.32 17.08 8.01
N THR C 40 0.28 17.01 7.17
CA THR C 40 -1.04 17.52 7.48
C THR C 40 -2.01 16.38 7.73
N HIS C 41 -2.83 16.52 8.76
CA HIS C 41 -3.88 15.55 9.09
C HIS C 41 -5.22 16.09 8.62
N ARG C 42 -5.78 15.48 7.60
CA ARG C 42 -7.10 15.82 7.12
C ARG C 42 -8.16 15.09 7.93
N LEU C 43 -9.29 15.77 8.15
CA LEU C 43 -10.35 15.25 9.00
C LEU C 43 -11.68 15.60 8.36
N LEU C 44 -12.57 14.62 8.23
CA LEU C 44 -13.92 14.86 7.74
C LEU C 44 -14.85 15.03 8.94
N LEU C 45 -15.29 16.26 9.20
CA LEU C 45 -16.28 16.50 10.22
C LEU C 45 -17.67 16.27 9.65
N LEU C 46 -18.34 15.23 10.13
CA LEU C 46 -19.63 14.82 9.60
C LEU C 46 -20.64 14.76 10.74
N GLY C 47 -21.78 15.41 10.54
CA GLY C 47 -22.81 15.48 11.56
C GLY C 47 -23.89 14.43 11.39
N SER C 205 -20.57 28.29 -0.27
CA SER C 205 -19.53 27.30 -0.57
C SER C 205 -20.06 25.88 -0.38
N GLY C 206 -19.41 24.92 -1.02
CA GLY C 206 -19.85 23.54 -0.96
C GLY C 206 -19.12 22.72 0.08
N ILE C 207 -18.05 23.28 0.63
CA ILE C 207 -17.32 22.63 1.72
C ILE C 207 -16.55 23.70 2.48
N PHE C 208 -16.59 23.63 3.81
CA PHE C 208 -15.86 24.55 4.66
C PHE C 208 -14.63 23.85 5.24
N GLU C 209 -13.56 24.60 5.40
CA GLU C 209 -12.30 24.08 5.91
C GLU C 209 -11.95 24.79 7.20
N THR C 210 -11.64 24.01 8.23
CA THR C 210 -11.23 24.53 9.52
C THR C 210 -9.76 24.24 9.75
N LYS C 211 -9.00 25.27 10.09
CA LYS C 211 -7.56 25.19 10.28
C LYS C 211 -7.24 25.34 11.76
N PHE C 212 -6.65 24.30 12.35
CA PHE C 212 -6.18 24.37 13.72
C PHE C 212 -4.96 23.46 13.87
N GLN C 213 -4.15 23.76 14.88
CA GLN C 213 -2.95 22.98 15.13
C GLN C 213 -2.83 22.68 16.62
N VAL C 214 -2.47 21.44 16.93
CA VAL C 214 -2.30 20.98 18.30
C VAL C 214 -0.89 20.41 18.44
N ASP C 215 -0.11 20.97 19.36
CA ASP C 215 1.27 20.56 19.58
C ASP C 215 2.08 20.63 18.29
N LYS C 216 1.90 21.72 17.55
CA LYS C 216 2.58 22.02 16.30
C LYS C 216 2.25 21.02 15.19
N VAL C 217 1.17 20.26 15.34
CA VAL C 217 0.71 19.33 14.30
C VAL C 217 -0.49 19.96 13.61
N ASN C 218 -0.40 20.12 12.29
CA ASN C 218 -1.44 20.78 11.51
C ASN C 218 -2.59 19.82 11.28
N PHE C 219 -3.80 20.25 11.64
CA PHE C 219 -5.02 19.51 11.38
C PHE C 219 -5.88 20.32 10.42
N HIS C 220 -6.41 19.65 9.40
CA HIS C 220 -7.23 20.32 8.40
C HIS C 220 -8.57 19.61 8.35
N MET C 221 -9.59 20.25 8.91
CA MET C 221 -10.89 19.62 9.11
C MET C 221 -11.87 20.16 8.09
N PHE C 222 -12.57 19.25 7.40
CA PHE C 222 -13.44 19.60 6.29
C PHE C 222 -14.88 19.28 6.66
N ASP C 223 -15.73 20.29 6.62
CA ASP C 223 -17.16 20.14 6.85
C ASP C 223 -17.91 20.43 5.56
N VAL C 224 -18.73 19.48 5.12
CA VAL C 224 -19.45 19.66 3.87
C VAL C 224 -20.55 20.70 4.06
N GLY C 225 -20.77 21.51 3.04
CA GLY C 225 -21.74 22.58 3.12
C GLY C 225 -22.95 22.36 2.24
N ALA C 226 -22.98 23.02 1.08
CA ALA C 226 -24.11 22.91 0.16
C ALA C 226 -24.02 21.60 -0.60
N GLN C 227 -24.32 20.52 0.13
CA GLN C 227 -24.42 19.19 -0.43
C GLN C 227 -25.77 18.59 -0.09
N ARG C 228 -26.32 17.80 -1.01
CA ARG C 228 -27.58 17.12 -0.76
C ARG C 228 -27.36 15.99 0.25
N ASP C 229 -28.47 15.51 0.81
CA ASP C 229 -28.39 14.53 1.88
C ASP C 229 -28.01 13.13 1.38
N GLU C 230 -27.86 12.95 0.07
CA GLU C 230 -27.40 11.67 -0.48
C GLU C 230 -25.88 11.68 -0.54
N ARG C 231 -25.25 11.01 0.41
CA ARG C 231 -23.80 11.06 0.60
C ARG C 231 -23.06 9.93 -0.09
N ARG C 232 -23.76 9.00 -0.75
CA ARG C 232 -23.11 7.76 -1.19
C ARG C 232 -22.05 7.99 -2.25
N LYS C 233 -22.00 9.16 -2.87
CA LYS C 233 -21.02 9.45 -3.91
C LYS C 233 -19.90 10.35 -3.41
N TRP C 234 -20.24 11.50 -2.84
CA TRP C 234 -19.20 12.44 -2.42
C TRP C 234 -18.49 12.00 -1.15
N ILE C 235 -18.98 10.98 -0.45
CA ILE C 235 -18.28 10.51 0.74
C ILE C 235 -17.11 9.61 0.38
N GLN C 236 -17.05 9.12 -0.87
CA GLN C 236 -15.91 8.35 -1.33
C GLN C 236 -14.66 9.21 -1.48
N CYS C 237 -14.81 10.54 -1.48
CA CYS C 237 -13.67 11.44 -1.54
C CYS C 237 -12.90 11.50 -0.23
N PHE C 238 -13.42 10.90 0.83
CA PHE C 238 -12.84 10.99 2.16
C PHE C 238 -12.43 9.61 2.68
N ASN C 239 -11.79 8.81 1.83
CA ASN C 239 -11.31 7.50 2.24
C ASN C 239 -9.85 7.52 2.68
N ASP C 240 -9.03 8.37 2.08
CA ASP C 240 -7.65 8.57 2.50
C ASP C 240 -7.51 9.69 3.52
N VAL C 241 -8.58 9.99 4.24
CA VAL C 241 -8.57 10.98 5.30
C VAL C 241 -8.10 10.29 6.57
N THR C 242 -7.53 11.06 7.50
CA THR C 242 -6.98 10.44 8.71
C THR C 242 -8.08 9.84 9.57
N ALA C 243 -9.15 10.60 9.82
CA ALA C 243 -10.27 10.10 10.59
C ALA C 243 -11.52 10.87 10.17
N ILE C 244 -12.67 10.29 10.46
CA ILE C 244 -13.96 10.93 10.25
C ILE C 244 -14.50 11.29 11.63
N ILE C 245 -14.74 12.57 11.87
CA ILE C 245 -15.29 13.01 13.14
C ILE C 245 -16.80 12.93 13.05
N PHE C 246 -17.39 11.95 13.74
CA PHE C 246 -18.82 11.71 13.71
C PHE C 246 -19.46 12.28 14.97
N VAL C 247 -20.32 13.27 14.79
CA VAL C 247 -20.97 13.94 15.91
C VAL C 247 -22.42 13.48 15.98
N VAL C 248 -22.83 13.02 17.16
CA VAL C 248 -24.17 12.57 17.43
C VAL C 248 -24.76 13.44 18.53
N ALA C 249 -25.99 13.89 18.33
CA ALA C 249 -26.63 14.81 19.27
C ALA C 249 -27.11 14.07 20.52
N ASN C 264 -36.80 9.52 15.46
CA ASN C 264 -35.63 8.83 16.00
C ASN C 264 -34.34 9.38 15.41
N ARG C 265 -33.82 10.47 16.00
CA ARG C 265 -32.57 11.03 15.54
C ARG C 265 -31.39 10.12 15.85
N LEU C 266 -31.43 9.44 16.99
CA LEU C 266 -30.32 8.59 17.42
C LEU C 266 -30.18 7.35 16.55
N GLN C 267 -31.28 6.70 16.18
CA GLN C 267 -31.23 5.56 15.29
C GLN C 267 -30.76 5.96 13.89
N ALA C 268 -31.13 7.16 13.45
CA ALA C 268 -30.66 7.65 12.16
C ALA C 268 -29.15 7.81 12.14
N ALA C 269 -28.58 8.33 13.23
CA ALA C 269 -27.12 8.39 13.34
C ALA C 269 -26.51 7.01 13.51
N LEU C 270 -27.26 6.08 14.12
CA LEU C 270 -26.79 4.71 14.22
C LEU C 270 -26.70 4.04 12.85
N LYS C 271 -27.69 4.28 11.99
CA LYS C 271 -27.66 3.71 10.65
C LYS C 271 -26.60 4.37 9.78
N LEU C 272 -26.33 5.66 9.99
CA LEU C 272 -25.31 6.34 9.20
C LEU C 272 -23.91 5.87 9.58
N PHE C 273 -23.66 5.67 10.88
CA PHE C 273 -22.39 5.11 11.31
C PHE C 273 -22.22 3.69 10.80
N ASP C 274 -23.32 2.94 10.74
CA ASP C 274 -23.30 1.61 10.11
C ASP C 274 -22.86 1.69 8.65
N SER C 275 -23.37 2.68 7.92
CA SER C 275 -23.00 2.83 6.51
C SER C 275 -21.52 3.15 6.34
N ILE C 276 -21.02 4.12 7.10
CA ILE C 276 -19.62 4.51 6.98
C ILE C 276 -18.70 3.36 7.37
N TRP C 277 -19.03 2.66 8.45
CA TRP C 277 -18.19 1.59 8.95
C TRP C 277 -18.08 0.44 7.96
N ASN C 278 -19.18 0.15 7.26
CA ASN C 278 -19.28 -1.03 6.39
C ASN C 278 -19.13 -0.68 4.92
N ASN C 279 -18.57 0.47 4.60
CA ASN C 279 -18.41 0.89 3.21
C ASN C 279 -17.16 0.28 2.61
N LYS C 280 -17.24 -0.05 1.32
CA LYS C 280 -16.13 -0.67 0.61
C LYS C 280 -14.87 0.20 0.68
N TRP C 281 -15.05 1.52 0.62
CA TRP C 281 -13.93 2.44 0.57
C TRP C 281 -13.61 3.07 1.93
N LEU C 282 -14.53 2.98 2.89
CA LEU C 282 -14.35 3.58 4.20
C LEU C 282 -14.05 2.54 5.28
N ARG C 283 -13.59 1.36 4.87
CA ARG C 283 -13.27 0.28 5.81
C ARG C 283 -11.82 0.33 6.28
N ASP C 284 -11.07 1.34 5.85
CA ASP C 284 -9.75 1.61 6.40
C ASP C 284 -9.68 2.98 7.05
N THR C 285 -10.81 3.68 7.17
CA THR C 285 -10.86 5.02 7.74
C THR C 285 -11.40 4.92 9.16
N SER C 286 -10.65 5.47 10.11
CA SER C 286 -11.07 5.47 11.50
C SER C 286 -12.15 6.52 11.71
N VAL C 287 -12.95 6.32 12.76
CA VAL C 287 -14.06 7.22 13.07
C VAL C 287 -13.92 7.67 14.52
N ILE C 288 -13.65 8.95 14.72
CA ILE C 288 -13.69 9.56 16.03
C ILE C 288 -15.14 9.94 16.30
N LEU C 289 -15.72 9.38 17.34
CA LEU C 289 -17.16 9.45 17.57
C LEU C 289 -17.42 10.33 18.80
N PHE C 290 -18.08 11.45 18.59
CA PHE C 290 -18.39 12.39 19.66
C PHE C 290 -19.88 12.28 19.98
N LEU C 291 -20.19 11.74 21.15
CA LEU C 291 -21.58 11.60 21.61
C LEU C 291 -21.95 12.90 22.31
N ASN C 292 -22.44 13.86 21.52
CA ASN C 292 -22.64 15.22 21.96
C ASN C 292 -23.95 15.34 22.76
N LYS C 293 -24.24 16.56 23.22
CA LYS C 293 -25.48 16.88 23.92
C LYS C 293 -25.60 16.11 25.24
N GLN C 294 -24.47 15.89 25.91
CA GLN C 294 -24.53 15.26 27.23
C GLN C 294 -25.09 16.21 28.28
N ASP C 295 -25.03 17.52 28.03
CA ASP C 295 -25.63 18.49 28.95
C ASP C 295 -27.15 18.46 28.87
N LEU C 296 -27.72 18.43 27.65
CA LEU C 296 -29.16 18.27 27.52
C LEU C 296 -29.61 16.85 27.86
N LEU C 297 -28.75 15.86 27.60
CA LEU C 297 -29.07 14.49 27.99
C LEU C 297 -29.22 14.37 29.50
N ALA C 298 -28.43 15.13 30.25
CA ALA C 298 -28.59 15.16 31.70
C ALA C 298 -29.93 15.78 32.10
N GLU C 299 -30.35 16.82 31.38
CA GLU C 299 -31.61 17.49 31.71
C GLU C 299 -32.80 16.55 31.53
N LYS C 300 -32.80 15.77 30.45
CA LYS C 300 -33.88 14.82 30.20
C LYS C 300 -33.46 13.40 30.54
N ILE C 308 -36.34 8.46 24.54
CA ILE C 308 -35.13 7.65 24.55
C ILE C 308 -35.47 6.22 24.96
N GLU C 309 -36.31 6.08 25.98
CA GLU C 309 -36.77 4.76 26.40
C GLU C 309 -37.84 4.20 25.47
N ASP C 310 -38.46 5.04 24.63
CA ASP C 310 -39.44 4.58 23.66
C ASP C 310 -38.80 4.16 22.35
N TYR C 311 -37.78 4.91 21.90
CA TYR C 311 -37.10 4.55 20.66
C TYR C 311 -36.30 3.26 20.82
N PHE C 312 -35.81 2.98 22.03
CA PHE C 312 -35.02 1.79 22.32
C PHE C 312 -35.65 1.07 23.50
N PRO C 313 -36.62 0.18 23.25
CA PRO C 313 -37.17 -0.62 24.36
C PRO C 313 -36.26 -1.79 24.70
N GLU C 314 -34.96 -1.51 24.73
CA GLU C 314 -33.96 -2.38 25.32
C GLU C 314 -33.18 -1.64 26.39
N PHE C 315 -33.45 -0.36 26.58
CA PHE C 315 -32.88 0.44 27.66
C PHE C 315 -33.72 0.31 28.93
N ALA C 316 -34.00 -0.94 29.29
CA ALA C 316 -34.63 -1.27 30.56
C ALA C 316 -33.96 -2.45 31.23
N ARG C 317 -33.17 -3.24 30.51
CA ARG C 317 -32.34 -4.30 31.07
C ARG C 317 -30.86 -3.92 31.04
N TYR C 318 -30.56 -2.65 30.83
CA TYR C 318 -29.18 -2.17 30.70
C TYR C 318 -28.78 -1.45 31.97
N THR C 319 -27.62 -1.79 32.50
CA THR C 319 -27.06 -1.19 33.70
C THR C 319 -25.67 -0.66 33.38
N THR C 320 -25.32 0.47 34.02
CA THR C 320 -24.04 1.14 33.84
C THR C 320 -22.89 0.16 33.91
N PRO C 321 -22.10 0.02 32.86
CA PRO C 321 -20.94 -0.88 32.92
C PRO C 321 -19.87 -0.35 33.85
N GLU C 322 -19.63 -1.05 34.96
CA GLU C 322 -18.66 -0.58 35.94
C GLU C 322 -17.23 -0.66 35.39
N ASP C 323 -17.01 -1.39 34.30
CA ASP C 323 -15.70 -1.42 33.68
C ASP C 323 -15.26 -0.03 33.20
N ALA C 324 -16.21 0.86 32.93
CA ALA C 324 -15.92 2.23 32.54
C ALA C 324 -16.17 3.18 33.72
N THR C 325 -15.46 4.30 33.71
CA THR C 325 -15.48 5.23 34.83
C THR C 325 -16.56 6.30 34.63
N PRO C 326 -17.44 6.50 35.59
CA PRO C 326 -18.40 7.61 35.51
C PRO C 326 -17.76 8.90 36.02
N GLU C 327 -18.50 10.00 35.82
CA GLU C 327 -18.07 11.30 36.32
C GLU C 327 -18.58 11.48 37.74
N PRO C 328 -17.72 11.70 38.73
CA PRO C 328 -18.19 11.82 40.11
C PRO C 328 -19.08 13.05 40.30
N GLY C 329 -20.01 12.92 41.25
CA GLY C 329 -20.97 13.96 41.54
C GLY C 329 -22.22 13.92 40.70
N GLU C 330 -22.32 12.97 39.77
CA GLU C 330 -23.46 12.84 38.88
C GLU C 330 -24.15 11.51 39.12
N ASP C 331 -25.48 11.55 39.26
CA ASP C 331 -26.25 10.34 39.50
C ASP C 331 -26.16 9.40 38.31
N PRO C 332 -26.29 8.09 38.54
CA PRO C 332 -26.19 7.13 37.44
C PRO C 332 -27.39 7.16 36.50
N ARG C 333 -28.26 8.15 36.68
CA ARG C 333 -29.49 8.21 35.84
C ARG C 333 -29.10 8.58 34.40
N VAL C 334 -28.11 9.47 34.23
CA VAL C 334 -27.74 9.90 32.89
C VAL C 334 -26.52 9.13 32.37
N THR C 335 -25.64 8.66 33.25
CA THR C 335 -24.53 7.83 32.80
C THR C 335 -25.00 6.50 32.24
N ARG C 336 -26.12 5.97 32.74
CA ARG C 336 -26.69 4.77 32.15
C ARG C 336 -27.12 5.01 30.72
N ALA C 337 -27.66 6.20 30.42
CA ALA C 337 -28.03 6.54 29.05
C ALA C 337 -26.81 6.84 28.20
N LYS C 338 -25.79 7.49 28.77
CA LYS C 338 -24.59 7.82 28.02
C LYS C 338 -23.88 6.56 27.52
N TYR C 339 -23.74 5.57 28.40
CA TYR C 339 -23.03 4.35 28.04
C TYR C 339 -23.89 3.43 27.18
N PHE C 340 -25.22 3.51 27.30
CA PHE C 340 -26.08 2.73 26.42
C PHE C 340 -25.95 3.20 24.98
N ILE C 341 -25.96 4.52 24.77
CA ILE C 341 -25.78 5.07 23.44
C ILE C 341 -24.41 4.68 22.88
N ARG C 342 -23.38 4.71 23.73
CA ARG C 342 -22.05 4.31 23.30
C ARG C 342 -22.00 2.84 22.92
N ASP C 343 -22.71 1.98 23.67
CA ASP C 343 -22.68 0.55 23.38
C ASP C 343 -23.44 0.20 22.12
N GLU C 344 -24.42 1.02 21.71
CA GLU C 344 -25.06 0.82 20.42
C GLU C 344 -24.10 1.09 19.28
N PHE C 345 -23.25 2.11 19.42
CA PHE C 345 -22.27 2.41 18.39
C PHE C 345 -21.10 1.43 18.41
N LEU C 346 -20.73 0.92 19.59
CA LEU C 346 -19.68 -0.08 19.70
C LEU C 346 -20.15 -1.47 19.27
N ARG C 347 -21.45 -1.74 19.31
CA ARG C 347 -21.97 -2.96 18.70
C ARG C 347 -21.71 -3.00 17.21
N ILE C 348 -21.90 -1.86 16.53
CA ILE C 348 -21.59 -1.76 15.11
C ILE C 348 -20.09 -1.85 14.86
N SER C 349 -19.31 -1.11 15.63
CA SER C 349 -17.87 -1.00 15.36
C SER C 349 -17.17 -2.34 15.53
N THR C 350 -17.55 -3.12 16.54
CA THR C 350 -16.87 -4.37 16.84
C THR C 350 -17.35 -5.54 15.98
N ALA C 351 -18.45 -5.35 15.25
CA ALA C 351 -19.02 -6.48 14.48
C ALA C 351 -18.24 -6.68 13.18
N SER C 352 -17.55 -5.64 12.69
CA SER C 352 -16.85 -5.76 11.38
C SER C 352 -15.33 -5.78 11.56
N GLY C 353 -14.69 -6.89 11.22
CA GLY C 353 -13.21 -6.99 11.26
C GLY C 353 -12.68 -6.92 9.85
N ASP C 354 -13.55 -6.58 8.89
CA ASP C 354 -13.15 -6.56 7.45
C ASP C 354 -12.05 -5.53 7.18
N GLY C 355 -12.03 -4.39 7.89
CA GLY C 355 -11.05 -3.33 7.54
C GLY C 355 -10.09 -2.90 8.64
N ARG C 356 -9.10 -2.08 8.28
CA ARG C 356 -8.10 -1.58 9.26
C ARG C 356 -8.61 -0.25 9.83
N HIS C 357 -9.77 -0.27 10.49
CA HIS C 357 -10.38 0.97 11.03
C HIS C 357 -10.70 0.79 12.51
N TYR C 358 -10.60 1.89 13.28
CA TYR C 358 -10.89 1.82 14.73
C TYR C 358 -11.89 2.93 15.09
N CYS C 359 -12.75 2.67 16.08
CA CYS C 359 -13.77 3.66 16.49
C CYS C 359 -13.31 4.24 17.81
N TYR C 360 -13.48 5.53 17.99
CA TYR C 360 -13.06 6.22 19.21
C TYR C 360 -14.23 6.98 19.80
N PRO C 361 -15.05 6.34 20.63
CA PRO C 361 -16.17 7.05 21.26
C PRO C 361 -15.68 8.04 22.31
N HIS C 362 -16.41 9.15 22.44
CA HIS C 362 -16.08 10.18 23.40
C HIS C 362 -17.37 10.77 23.95
N PHE C 363 -17.23 11.66 24.93
CA PHE C 363 -18.35 12.42 25.47
C PHE C 363 -17.96 13.89 25.50
N THR C 364 -18.79 14.73 24.89
CA THR C 364 -18.48 16.15 24.80
C THR C 364 -19.11 16.93 25.96
N ASN C 371 -11.43 18.83 24.23
CA ASN C 371 -12.23 18.32 23.12
C ASN C 371 -11.44 18.38 21.82
N ILE C 372 -10.66 19.44 21.66
CA ILE C 372 -9.71 19.51 20.55
C ILE C 372 -8.57 18.53 20.77
N ARG C 373 -8.13 18.37 22.03
CA ARG C 373 -7.08 17.42 22.35
C ARG C 373 -7.50 15.97 22.10
N ARG C 374 -8.80 15.68 22.26
CA ARG C 374 -9.27 14.31 22.03
C ARG C 374 -9.07 13.89 20.57
N VAL C 375 -9.31 14.81 19.64
CA VAL C 375 -9.03 14.50 18.23
C VAL C 375 -7.54 14.34 18.01
N PHE C 376 -6.73 15.19 18.63
CA PHE C 376 -5.28 15.06 18.49
C PHE C 376 -4.77 13.74 19.06
N ASN C 377 -5.25 13.36 20.25
CA ASN C 377 -4.81 12.11 20.87
C ASN C 377 -5.23 10.91 20.02
N ASP C 378 -6.43 10.96 19.45
CA ASP C 378 -6.94 9.85 18.66
C ASP C 378 -6.26 9.75 17.30
N CYS C 379 -5.89 10.88 16.70
CA CYS C 379 -5.12 10.84 15.47
C CYS C 379 -3.70 10.35 15.72
N ARG C 380 -3.17 10.64 16.92
CA ARG C 380 -1.88 10.07 17.31
C ARG C 380 -1.96 8.55 17.38
N ASP C 381 -3.06 8.02 17.94
CA ASP C 381 -3.25 6.58 18.02
C ASP C 381 -3.51 5.96 16.65
N ILE C 382 -4.20 6.68 15.76
CA ILE C 382 -4.49 6.15 14.43
C ILE C 382 -3.21 5.95 13.64
N ILE C 383 -2.33 6.95 13.66
CA ILE C 383 -1.10 6.89 12.86
C ILE C 383 -0.15 5.85 13.42
N GLN C 384 -0.05 5.76 14.75
CA GLN C 384 0.79 4.75 15.38
C GLN C 384 0.31 3.34 15.03
N ARG C 385 -1.00 3.12 15.09
CA ARG C 385 -1.55 1.82 14.74
C ARG C 385 -1.31 1.48 13.27
N MET C 386 -1.25 2.49 12.40
CA MET C 386 -0.95 2.29 10.99
C MET C 386 0.53 1.99 10.77
N HIS C 387 1.42 2.68 11.49
CA HIS C 387 2.84 2.38 11.38
C HIS C 387 3.16 1.01 11.97
N LEU C 388 2.53 0.67 13.10
CA LEU C 388 2.73 -0.63 13.73
C LEU C 388 2.22 -1.78 12.87
N ARG C 389 1.35 -1.51 11.90
CA ARG C 389 0.85 -2.53 11.00
C ARG C 389 1.74 -2.75 9.79
N GLN C 390 2.48 -1.73 9.36
CA GLN C 390 3.45 -1.93 8.29
C GLN C 390 4.58 -2.84 8.73
N TYR C 391 4.94 -2.78 10.02
CA TYR C 391 5.98 -3.61 10.61
C TYR C 391 5.45 -4.95 11.12
N GLU C 392 4.17 -5.24 10.88
CA GLU C 392 3.52 -6.48 11.31
C GLU C 392 3.52 -6.64 12.83
N LEU C 393 3.75 -5.55 13.56
CA LEU C 393 3.67 -5.62 15.02
C LEU C 393 2.22 -5.61 15.48
N LEU C 394 1.33 -5.05 14.68
CA LEU C 394 -0.11 -5.12 14.94
C LEU C 394 -0.82 -5.69 13.72
N GLU D 13 -55.02 15.94 -7.79
CA GLU D 13 -54.99 15.11 -8.99
C GLU D 13 -53.70 14.30 -9.06
N LEU D 14 -53.14 13.98 -7.89
CA LEU D 14 -51.91 13.20 -7.84
C LEU D 14 -52.11 11.80 -8.40
N ASP D 15 -53.25 11.17 -8.08
CA ASP D 15 -53.50 9.82 -8.57
C ASP D 15 -53.65 9.81 -10.09
N GLN D 16 -54.39 10.77 -10.65
CA GLN D 16 -54.59 10.82 -12.09
C GLN D 16 -53.28 11.08 -12.82
N LEU D 17 -52.47 12.02 -12.32
CA LEU D 17 -51.20 12.32 -12.98
C LEU D 17 -50.25 11.14 -12.91
N ARG D 18 -50.20 10.45 -11.77
CA ARG D 18 -49.43 9.21 -11.69
C ARG D 18 -50.03 8.13 -12.59
N GLN D 19 -51.36 8.11 -12.72
CA GLN D 19 -52.01 7.15 -13.61
C GLN D 19 -51.67 7.44 -15.06
N GLU D 20 -51.62 8.72 -15.44
CA GLU D 20 -51.22 9.07 -16.80
C GLU D 20 -49.75 8.77 -17.04
N ALA D 21 -48.90 9.00 -16.04
CA ALA D 21 -47.47 8.77 -16.21
C ALA D 21 -47.14 7.30 -16.38
N GLU D 22 -47.98 6.41 -15.85
CA GLU D 22 -47.78 4.98 -16.01
C GLU D 22 -48.51 4.42 -17.23
N GLN D 23 -49.25 5.24 -17.96
CA GLN D 23 -49.76 4.84 -19.27
C GLN D 23 -48.88 5.31 -20.42
N LEU D 24 -48.04 6.32 -20.19
CA LEU D 24 -47.06 6.74 -21.18
C LEU D 24 -45.80 5.91 -21.14
N LYS D 25 -45.39 5.47 -19.94
CA LYS D 25 -44.24 4.58 -19.83
C LYS D 25 -44.50 3.24 -20.50
N ASN D 26 -45.72 2.70 -20.35
CA ASN D 26 -46.08 1.48 -21.05
C ASN D 26 -46.25 1.71 -22.55
N GLN D 27 -46.69 2.91 -22.95
CA GLN D 27 -46.74 3.23 -24.37
C GLN D 27 -45.34 3.31 -24.97
N ILE D 28 -44.41 3.94 -24.24
CA ILE D 28 -43.03 4.00 -24.71
C ILE D 28 -42.42 2.60 -24.74
N ARG D 29 -42.67 1.80 -23.70
CA ARG D 29 -42.13 0.45 -23.65
C ARG D 29 -42.66 -0.40 -24.81
N ASP D 30 -43.95 -0.26 -25.12
CA ASP D 30 -44.51 -0.99 -26.25
C ASP D 30 -43.95 -0.48 -27.58
N ALA D 31 -43.72 0.83 -27.69
CA ALA D 31 -43.12 1.36 -28.91
C ALA D 31 -41.70 0.85 -29.12
N ARG D 32 -40.91 0.81 -28.04
CA ARG D 32 -39.55 0.28 -28.14
C ARG D 32 -39.56 -1.21 -28.46
N LYS D 33 -40.49 -1.95 -27.87
CA LYS D 33 -40.58 -3.38 -28.15
C LYS D 33 -40.98 -3.65 -29.59
N ALA D 34 -41.76 -2.76 -30.20
CA ALA D 34 -42.17 -2.94 -31.59
C ALA D 34 -40.98 -2.84 -32.54
N CYS D 35 -40.04 -1.95 -32.24
CA CYS D 35 -38.87 -1.74 -33.09
C CYS D 35 -37.77 -2.75 -32.84
N ALA D 36 -37.88 -3.60 -31.82
CA ALA D 36 -36.86 -4.59 -31.50
C ALA D 36 -37.20 -5.88 -32.22
N ASP D 37 -36.83 -5.95 -33.49
CA ASP D 37 -37.06 -7.14 -34.30
C ASP D 37 -35.91 -8.13 -34.23
N ALA D 38 -34.67 -7.64 -34.28
CA ALA D 38 -33.49 -8.49 -34.19
C ALA D 38 -32.45 -7.80 -33.34
N THR D 39 -31.85 -8.53 -32.41
CA THR D 39 -30.89 -7.95 -31.49
C THR D 39 -29.56 -7.66 -32.20
N LEU D 40 -28.73 -6.87 -31.52
CA LEU D 40 -27.40 -6.56 -32.05
C LEU D 40 -26.54 -7.80 -32.15
N SER D 41 -26.62 -8.70 -31.17
CA SER D 41 -25.81 -9.91 -31.18
C SER D 41 -26.21 -10.87 -32.30
N GLN D 42 -27.48 -10.84 -32.73
CA GLN D 42 -27.90 -11.70 -33.84
C GLN D 42 -27.39 -11.22 -35.18
N ILE D 43 -27.11 -9.93 -35.32
CA ILE D 43 -26.67 -9.35 -36.59
C ILE D 43 -25.16 -9.45 -36.75
N THR D 44 -24.40 -9.18 -35.68
CA THR D 44 -22.96 -9.36 -35.68
C THR D 44 -22.55 -10.77 -35.27
N ASN D 45 -23.47 -11.72 -35.34
CA ASN D 45 -23.11 -13.10 -35.02
C ASN D 45 -22.11 -13.66 -36.03
N ASN D 46 -22.34 -13.38 -37.31
CA ASN D 46 -21.44 -13.86 -38.37
C ASN D 46 -20.38 -12.80 -38.72
N ILE D 47 -19.67 -12.32 -37.71
CA ILE D 47 -18.58 -11.37 -37.92
C ILE D 47 -17.33 -11.95 -37.27
N ASP D 48 -16.17 -11.60 -37.82
CA ASP D 48 -14.93 -12.15 -37.32
C ASP D 48 -14.64 -11.61 -35.92
N PRO D 49 -14.29 -12.47 -34.97
CA PRO D 49 -13.98 -11.98 -33.62
C PRO D 49 -12.75 -11.09 -33.61
N VAL D 50 -12.74 -10.17 -32.64
CA VAL D 50 -11.61 -9.25 -32.49
C VAL D 50 -10.35 -10.01 -32.11
N GLY D 51 -10.49 -11.10 -31.37
CA GLY D 51 -9.35 -11.83 -30.86
C GLY D 51 -8.81 -11.23 -29.57
N ARG D 52 -7.82 -11.89 -29.00
CA ARG D 52 -7.23 -11.43 -27.76
C ARG D 52 -6.43 -10.15 -28.00
N ILE D 53 -6.65 -9.15 -27.16
CA ILE D 53 -6.03 -7.84 -27.28
C ILE D 53 -5.01 -7.70 -26.15
N GLN D 54 -3.75 -7.54 -26.51
CA GLN D 54 -2.68 -7.28 -25.55
C GLN D 54 -2.25 -5.82 -25.65
N MET D 55 -2.56 -5.04 -24.62
CA MET D 55 -2.01 -3.70 -24.47
C MET D 55 -1.04 -3.71 -23.29
N ARG D 56 0.08 -3.03 -23.48
CA ARG D 56 1.11 -2.96 -22.44
C ARG D 56 1.24 -1.52 -21.98
N THR D 57 1.61 -1.36 -20.70
CA THR D 57 1.82 -0.05 -20.13
C THR D 57 3.04 0.58 -20.79
N ARG D 58 2.80 1.58 -21.65
CA ARG D 58 3.90 2.23 -22.34
C ARG D 58 4.52 3.33 -21.50
N ARG D 59 3.70 4.09 -20.77
CA ARG D 59 4.17 5.14 -19.88
C ARG D 59 3.50 5.00 -18.53
N THR D 60 4.16 5.50 -17.50
CA THR D 60 3.60 5.59 -16.16
C THR D 60 3.97 6.95 -15.60
N LEU D 61 2.96 7.78 -15.32
CA LEU D 61 3.17 9.15 -14.88
C LEU D 61 3.05 9.19 -13.36
N ARG D 62 4.14 9.58 -12.69
CA ARG D 62 4.31 9.35 -11.25
C ARG D 62 4.43 10.65 -10.45
N GLY D 63 3.61 11.66 -10.75
CA GLY D 63 3.78 12.92 -10.05
C GLY D 63 2.75 13.16 -8.95
N HIS D 64 1.56 12.59 -9.09
CA HIS D 64 0.45 12.93 -8.21
C HIS D 64 0.66 12.35 -6.82
N LEU D 65 0.17 13.08 -5.81
CA LEU D 65 0.33 12.73 -4.40
C LEU D 65 -0.81 11.86 -3.89
N ALA D 66 -2.05 12.27 -4.16
CA ALA D 66 -3.24 11.58 -3.71
C ALA D 66 -3.88 10.83 -4.88
N LYS D 67 -5.04 10.23 -4.61
CA LYS D 67 -5.76 9.48 -5.63
C LYS D 67 -6.26 10.39 -6.74
N ILE D 68 -6.30 9.86 -7.95
CA ILE D 68 -6.66 10.60 -9.15
C ILE D 68 -8.12 10.31 -9.47
N TYR D 69 -8.92 11.38 -9.59
CA TYR D 69 -10.32 11.25 -9.98
C TYR D 69 -10.57 11.41 -11.47
N ALA D 70 -9.79 12.24 -12.17
CA ALA D 70 -10.11 12.53 -13.56
C ALA D 70 -8.83 12.73 -14.37
N MET D 71 -8.94 12.42 -15.66
CA MET D 71 -7.98 12.82 -16.66
C MET D 71 -8.74 13.15 -17.93
N HIS D 72 -8.08 13.89 -18.82
CA HIS D 72 -8.69 14.23 -20.10
C HIS D 72 -7.59 14.46 -21.13
N TRP D 73 -7.72 13.81 -22.28
CA TRP D 73 -6.71 13.91 -23.32
C TRP D 73 -6.83 15.22 -24.07
N GLY D 74 -5.69 15.72 -24.54
CA GLY D 74 -5.70 16.83 -25.47
C GLY D 74 -6.11 16.40 -26.86
N THR D 75 -6.63 17.37 -27.62
CA THR D 75 -7.01 17.11 -29.00
C THR D 75 -5.80 16.78 -29.86
N ASP D 76 -4.63 17.30 -29.51
CA ASP D 76 -3.41 16.96 -30.22
C ASP D 76 -2.99 15.52 -29.97
N SER D 77 -3.60 14.86 -28.98
CA SER D 77 -3.35 13.48 -28.60
C SER D 77 -1.98 13.27 -27.97
N ARG D 78 -1.31 14.33 -27.54
CA ARG D 78 -0.02 14.26 -26.89
C ARG D 78 -0.05 14.74 -25.45
N LEU D 79 -0.73 15.84 -25.18
CA LEU D 79 -0.84 16.37 -23.83
C LEU D 79 -2.13 15.93 -23.18
N LEU D 80 -2.08 15.73 -21.86
CA LEU D 80 -3.27 15.36 -21.11
C LEU D 80 -3.19 16.01 -19.74
N VAL D 81 -4.34 16.38 -19.20
CA VAL D 81 -4.44 16.94 -17.86
C VAL D 81 -5.02 15.87 -16.94
N SER D 82 -4.59 15.88 -15.68
CA SER D 82 -5.10 14.96 -14.68
C SER D 82 -5.39 15.73 -13.40
N ALA D 83 -6.42 15.28 -12.69
CA ALA D 83 -6.84 15.90 -11.43
C ALA D 83 -6.68 14.88 -10.31
N SER D 84 -6.04 15.31 -9.23
CA SER D 84 -5.87 14.42 -8.04
C SER D 84 -6.33 15.17 -6.79
N GLN D 85 -6.69 14.44 -5.72
CA GLN D 85 -7.28 15.11 -4.52
C GLN D 85 -6.23 15.74 -3.61
N ASP D 86 -4.94 15.75 -4.01
CA ASP D 86 -3.96 16.47 -3.21
C ASP D 86 -4.04 17.97 -3.45
N GLY D 87 -4.87 18.41 -4.39
CA GLY D 87 -5.03 19.81 -4.72
C GLY D 87 -4.16 20.26 -5.87
N LYS D 88 -3.99 19.38 -6.87
CA LYS D 88 -3.08 19.63 -7.97
C LYS D 88 -3.76 19.30 -9.29
N LEU D 89 -3.39 20.04 -10.33
CA LEU D 89 -3.86 19.81 -11.70
C LEU D 89 -2.60 19.75 -12.57
N ILE D 90 -2.16 18.55 -12.91
CA ILE D 90 -0.91 18.37 -13.65
C ILE D 90 -1.22 18.13 -15.12
N ILE D 91 -0.50 18.83 -15.99
CA ILE D 91 -0.58 18.65 -17.43
C ILE D 91 0.66 17.90 -17.87
N TRP D 92 0.46 16.78 -18.56
CA TRP D 92 1.54 15.87 -18.91
C TRP D 92 1.88 15.95 -20.39
N ASP D 93 3.10 15.55 -20.71
CA ASP D 93 3.51 15.26 -22.07
C ASP D 93 3.61 13.74 -22.15
N SER D 94 2.60 13.12 -22.75
CA SER D 94 2.52 11.66 -22.75
C SER D 94 3.68 11.03 -23.50
N TYR D 95 4.26 11.71 -24.49
CA TYR D 95 5.37 11.14 -25.24
C TYR D 95 6.64 11.08 -24.40
N THR D 96 6.98 12.18 -23.71
CA THR D 96 8.22 12.27 -22.96
C THR D 96 8.03 12.13 -21.46
N THR D 97 6.80 11.90 -21.00
CA THR D 97 6.46 11.80 -19.57
C THR D 97 6.85 13.05 -18.79
N ASN D 98 6.99 14.19 -19.47
CA ASN D 98 7.40 15.42 -18.82
C ASN D 98 6.19 16.22 -18.38
N LYS D 99 6.27 16.78 -17.18
CA LYS D 99 5.21 17.63 -16.66
C LYS D 99 5.32 19.00 -17.29
N VAL D 100 4.26 19.44 -17.96
CA VAL D 100 4.25 20.76 -18.58
C VAL D 100 3.76 21.81 -17.60
N HIS D 101 2.67 21.50 -16.88
CA HIS D 101 2.10 22.41 -15.91
C HIS D 101 1.75 21.65 -14.64
N ALA D 102 1.81 22.35 -13.51
CA ALA D 102 1.35 21.84 -12.22
C ALA D 102 0.56 22.97 -11.56
N ILE D 103 -0.76 22.85 -11.56
CA ILE D 103 -1.67 23.92 -11.18
C ILE D 103 -2.21 23.61 -9.78
N PRO D 104 -1.87 24.40 -8.77
CA PRO D 104 -2.49 24.20 -7.45
C PRO D 104 -3.88 24.78 -7.39
N LEU D 105 -4.79 24.04 -6.77
CA LEU D 105 -6.19 24.40 -6.71
C LEU D 105 -6.54 24.97 -5.33
N ARG D 106 -7.51 25.88 -5.32
CA ARG D 106 -7.97 26.45 -4.05
C ARG D 106 -8.61 25.38 -3.15
N SER D 107 -9.41 24.49 -3.73
CA SER D 107 -10.01 23.38 -3.00
C SER D 107 -9.40 22.08 -3.49
N SER D 108 -8.95 21.25 -2.55
CA SER D 108 -8.28 20.01 -2.91
C SER D 108 -9.23 18.91 -3.36
N TRP D 109 -10.52 19.03 -3.04
CA TRP D 109 -11.49 17.99 -3.36
C TRP D 109 -12.02 18.24 -4.76
N VAL D 110 -11.26 17.81 -5.76
CA VAL D 110 -11.59 17.98 -7.16
C VAL D 110 -12.02 16.63 -7.71
N MET D 111 -13.15 16.59 -8.41
CA MET D 111 -13.71 15.35 -8.91
C MET D 111 -13.72 15.25 -10.43
N THR D 112 -13.42 16.33 -11.14
CA THR D 112 -13.43 16.30 -12.59
C THR D 112 -12.43 17.29 -13.14
N CYS D 113 -12.02 17.07 -14.38
CA CYS D 113 -11.18 18.00 -15.12
C CYS D 113 -11.44 17.83 -16.60
N ALA D 114 -11.38 18.95 -17.32
CA ALA D 114 -11.56 18.96 -18.76
C ALA D 114 -10.42 19.76 -19.39
N TYR D 115 -10.16 19.47 -20.66
CA TYR D 115 -9.10 20.14 -21.41
C TYR D 115 -9.79 20.75 -22.62
N ALA D 116 -9.64 22.06 -22.81
CA ALA D 116 -10.31 22.72 -23.91
C ALA D 116 -9.82 22.17 -25.24
N PRO D 117 -10.70 22.01 -26.23
CA PRO D 117 -10.24 21.45 -27.51
C PRO D 117 -9.54 22.48 -28.36
N SER D 118 -8.72 23.31 -27.72
CA SER D 118 -7.80 24.19 -28.41
C SER D 118 -6.47 24.31 -27.67
N GLY D 119 -6.31 23.61 -26.56
CA GLY D 119 -5.09 23.68 -25.78
C GLY D 119 -4.94 24.95 -24.98
N ASN D 120 -5.98 25.78 -24.94
CA ASN D 120 -5.89 27.11 -24.33
C ASN D 120 -6.30 27.11 -22.86
N TYR D 121 -7.28 26.30 -22.48
CA TYR D 121 -7.81 26.30 -21.13
C TYR D 121 -7.96 24.88 -20.61
N VAL D 122 -7.97 24.76 -19.29
CA VAL D 122 -8.37 23.54 -18.59
C VAL D 122 -9.38 23.93 -17.52
N ALA D 123 -10.30 23.02 -17.23
CA ALA D 123 -11.32 23.23 -16.21
C ALA D 123 -11.21 22.15 -15.14
N CYS D 124 -11.73 22.46 -13.96
CA CYS D 124 -11.80 21.48 -12.88
C CYS D 124 -12.89 21.90 -11.91
N GLY D 125 -13.45 20.92 -11.21
CA GLY D 125 -14.45 21.19 -10.20
C GLY D 125 -14.58 20.02 -9.26
N GLY D 126 -15.19 20.28 -8.11
CA GLY D 126 -15.35 19.26 -7.10
C GLY D 126 -16.39 19.60 -6.05
N LEU D 127 -16.07 19.32 -4.80
CA LEU D 127 -16.98 19.54 -3.68
C LEU D 127 -17.19 21.01 -3.35
N ASP D 128 -16.42 21.93 -3.95
CA ASP D 128 -16.62 23.35 -3.71
C ASP D 128 -17.74 23.95 -4.55
N ASN D 129 -18.36 23.14 -5.41
CA ASN D 129 -19.51 23.52 -6.25
C ASN D 129 -19.15 24.52 -7.33
N ILE D 130 -17.87 24.66 -7.65
CA ILE D 130 -17.39 25.66 -8.59
C ILE D 130 -16.60 24.97 -9.69
N CYS D 131 -16.85 25.37 -10.93
CA CYS D 131 -16.00 25.00 -12.06
C CYS D 131 -15.01 26.14 -12.31
N SER D 132 -13.72 25.84 -12.17
CA SER D 132 -12.68 26.85 -12.31
C SER D 132 -12.00 26.67 -13.67
N ILE D 133 -11.93 27.75 -14.44
CA ILE D 133 -11.32 27.76 -15.76
C ILE D 133 -9.91 28.34 -15.61
N TYR D 134 -8.92 27.65 -16.16
CA TYR D 134 -7.52 28.03 -16.03
C TYR D 134 -6.95 28.36 -17.39
N ASN D 135 -6.36 29.55 -17.51
CA ASN D 135 -5.74 30.00 -18.76
C ASN D 135 -4.31 29.49 -18.80
N LEU D 136 -3.99 28.70 -19.83
CA LEU D 136 -2.64 28.19 -20.01
C LEU D 136 -1.81 29.09 -20.91
N LYS D 137 -2.42 29.64 -21.95
CA LYS D 137 -1.72 30.43 -22.95
C LYS D 137 -1.95 31.91 -22.67
N THR D 138 -1.13 32.47 -21.78
CA THR D 138 -1.15 33.88 -21.48
C THR D 138 0.28 34.42 -21.50
N ARG D 139 0.42 35.71 -21.85
CA ARG D 139 1.73 36.34 -21.92
C ARG D 139 2.39 36.46 -20.55
N GLU D 140 1.62 36.37 -19.47
CA GLU D 140 2.19 36.44 -18.13
C GLU D 140 3.09 35.25 -17.82
N GLY D 141 3.02 34.20 -18.62
CA GLY D 141 3.85 33.02 -18.41
C GLY D 141 3.53 32.24 -17.15
N ASN D 142 2.25 32.11 -16.81
CA ASN D 142 1.82 31.34 -15.66
C ASN D 142 0.36 30.98 -15.86
N VAL D 143 -0.10 30.01 -15.09
CA VAL D 143 -1.49 29.54 -15.16
C VAL D 143 -2.27 30.16 -14.01
N ARG D 144 -3.32 30.90 -14.36
CA ARG D 144 -4.16 31.59 -13.39
C ARG D 144 -5.62 31.21 -13.62
N VAL D 145 -6.45 31.44 -12.60
CA VAL D 145 -7.87 31.13 -12.69
C VAL D 145 -8.52 32.14 -13.64
N SER D 146 -8.83 31.70 -14.86
CA SER D 146 -9.48 32.59 -15.82
C SER D 146 -10.88 32.96 -15.34
N ARG D 147 -11.64 31.98 -14.85
CA ARG D 147 -13.00 32.20 -14.41
C ARG D 147 -13.35 31.22 -13.30
N GLU D 148 -14.32 31.59 -12.48
CA GLU D 148 -14.93 30.71 -11.49
C GLU D 148 -16.43 30.72 -11.73
N LEU D 149 -16.96 29.56 -12.10
CA LEU D 149 -18.38 29.43 -12.47
C LEU D 149 -19.13 28.92 -11.24
N ALA D 150 -19.92 29.79 -10.63
CA ALA D 150 -20.69 29.45 -9.44
C ALA D 150 -22.19 29.47 -9.76
N GLY D 151 -22.94 28.62 -9.07
CA GLY D 151 -24.36 28.52 -9.31
C GLY D 151 -24.91 27.12 -9.15
N HIS D 152 -24.04 26.12 -9.17
CA HIS D 152 -24.45 24.76 -8.83
C HIS D 152 -24.54 24.61 -7.32
N THR D 153 -25.59 23.91 -6.87
CA THR D 153 -25.79 23.67 -5.45
C THR D 153 -25.31 22.27 -5.04
N GLY D 154 -24.65 21.55 -5.94
CA GLY D 154 -24.05 20.28 -5.63
C GLY D 154 -22.72 20.16 -6.33
N TYR D 155 -21.91 19.21 -5.85
CA TYR D 155 -20.54 19.06 -6.33
C TYR D 155 -20.51 18.86 -7.84
N LEU D 156 -19.42 19.31 -8.46
CA LEU D 156 -19.21 19.13 -9.89
C LEU D 156 -18.70 17.71 -10.15
N SER D 157 -19.45 16.98 -10.97
CA SER D 157 -19.10 15.60 -11.32
C SER D 157 -18.34 15.53 -12.63
N CYS D 158 -18.73 16.32 -13.62
CA CYS D 158 -18.11 16.30 -14.93
C CYS D 158 -18.20 17.69 -15.54
N CYS D 159 -17.34 17.93 -16.52
CA CYS D 159 -17.36 19.17 -17.28
C CYS D 159 -16.68 18.91 -18.62
N ARG D 160 -17.22 19.51 -19.68
CA ARG D 160 -16.65 19.37 -21.00
C ARG D 160 -16.80 20.68 -21.76
N PHE D 161 -15.69 21.17 -22.30
CA PHE D 161 -15.71 22.37 -23.12
C PHE D 161 -16.43 22.11 -24.44
N LEU D 162 -17.26 23.06 -24.84
CA LEU D 162 -17.79 23.06 -26.20
C LEU D 162 -16.90 23.90 -27.11
N ASP D 163 -16.41 25.02 -26.61
CA ASP D 163 -15.42 25.85 -27.27
C ASP D 163 -14.69 26.63 -26.18
N ASP D 164 -13.94 27.67 -26.57
CA ASP D 164 -13.22 28.47 -25.59
C ASP D 164 -14.14 29.25 -24.68
N ASN D 165 -15.41 29.41 -25.05
CA ASN D 165 -16.34 30.25 -24.30
C ASN D 165 -17.58 29.54 -23.81
N GLN D 166 -17.76 28.26 -24.13
CA GLN D 166 -18.88 27.47 -23.63
C GLN D 166 -18.37 26.21 -22.96
N ILE D 167 -18.95 25.87 -21.82
CA ILE D 167 -18.63 24.63 -21.12
C ILE D 167 -19.90 24.10 -20.47
N VAL D 168 -20.13 22.80 -20.57
CA VAL D 168 -21.28 22.13 -19.96
C VAL D 168 -20.77 21.34 -18.76
N THR D 169 -21.45 21.49 -17.63
CA THR D 169 -21.08 20.86 -16.38
C THR D 169 -22.26 20.10 -15.79
N SER D 170 -21.97 18.94 -15.22
CA SER D 170 -22.94 18.16 -14.47
C SER D 170 -22.64 18.29 -12.98
N SER D 171 -23.68 18.22 -12.17
CA SER D 171 -23.54 18.53 -10.76
C SER D 171 -24.24 17.47 -9.92
N GLY D 172 -23.88 17.46 -8.64
CA GLY D 172 -24.51 16.58 -7.67
C GLY D 172 -25.82 17.12 -7.13
N ASP D 173 -26.33 18.18 -7.75
CA ASP D 173 -27.65 18.70 -7.43
C ASP D 173 -28.70 18.26 -8.44
N THR D 174 -28.41 17.20 -9.20
CA THR D 174 -29.26 16.56 -10.21
C THR D 174 -29.51 17.44 -11.43
N THR D 175 -28.63 18.39 -11.73
CA THR D 175 -28.79 19.26 -12.88
C THR D 175 -27.50 19.34 -13.67
N CYS D 176 -27.64 19.62 -14.96
CA CYS D 176 -26.54 20.00 -15.84
C CYS D 176 -26.74 21.44 -16.29
N ALA D 177 -25.63 22.14 -16.51
CA ALA D 177 -25.71 23.56 -16.85
C ALA D 177 -24.78 23.86 -18.01
N LEU D 178 -25.22 24.77 -18.88
CA LEU D 178 -24.39 25.32 -19.93
C LEU D 178 -23.99 26.73 -19.55
N TRP D 179 -22.69 27.01 -19.61
CA TRP D 179 -22.14 28.26 -19.11
C TRP D 179 -21.60 29.12 -20.24
N ASP D 180 -21.60 30.44 -20.01
CA ASP D 180 -20.90 31.38 -20.86
C ASP D 180 -19.69 31.88 -20.06
N ILE D 181 -18.50 31.42 -20.45
CA ILE D 181 -17.30 31.68 -19.65
C ILE D 181 -16.96 33.16 -19.62
N GLU D 182 -17.20 33.88 -20.72
CA GLU D 182 -16.91 35.31 -20.75
C GLU D 182 -17.73 36.06 -19.70
N THR D 183 -19.03 35.74 -19.60
CA THR D 183 -19.90 36.39 -18.63
C THR D 183 -20.01 35.63 -17.32
N GLY D 184 -19.57 34.38 -17.28
CA GLY D 184 -19.65 33.60 -16.06
C GLY D 184 -21.05 33.30 -15.58
N GLN D 185 -21.99 33.12 -16.50
CA GLN D 185 -23.39 32.88 -16.16
C GLN D 185 -23.90 31.64 -16.85
N GLN D 186 -24.90 31.01 -16.25
CA GLN D 186 -25.53 29.83 -16.83
C GLN D 186 -26.39 30.25 -18.01
N THR D 187 -25.99 29.86 -19.21
CA THR D 187 -26.84 30.11 -20.37
C THR D 187 -28.08 29.22 -20.34
N THR D 188 -27.92 27.96 -19.93
CA THR D 188 -29.01 27.01 -19.91
C THR D 188 -28.81 26.05 -18.74
N THR D 189 -29.92 25.62 -18.16
CA THR D 189 -29.93 24.60 -17.11
C THR D 189 -30.73 23.42 -17.60
N PHE D 190 -30.17 22.22 -17.46
CA PHE D 190 -30.80 20.98 -17.90
C PHE D 190 -31.26 20.22 -16.67
N THR D 191 -32.57 20.16 -16.45
CA THR D 191 -33.15 19.49 -15.30
C THR D 191 -34.02 18.33 -15.75
N GLY D 192 -34.19 17.37 -14.84
CA GLY D 192 -35.00 16.20 -15.13
C GLY D 192 -34.48 14.93 -14.50
N HIS D 193 -33.19 14.90 -14.15
CA HIS D 193 -32.65 13.79 -13.39
C HIS D 193 -33.13 13.87 -11.94
N THR D 194 -33.23 12.71 -11.30
CA THR D 194 -33.61 12.66 -9.90
C THR D 194 -32.46 12.32 -8.97
N GLY D 195 -31.33 11.84 -9.50
CA GLY D 195 -30.15 11.60 -8.72
C GLY D 195 -28.99 12.46 -9.18
N ASP D 196 -27.88 12.33 -8.47
CA ASP D 196 -26.66 13.06 -8.81
C ASP D 196 -26.19 12.70 -10.21
N VAL D 197 -26.12 13.69 -11.09
CA VAL D 197 -25.56 13.46 -12.41
C VAL D 197 -24.07 13.22 -12.25
N MET D 198 -23.61 12.02 -12.63
CA MET D 198 -22.26 11.60 -12.35
C MET D 198 -21.30 11.84 -13.51
N SER D 199 -21.80 11.92 -14.73
CA SER D 199 -20.94 12.10 -15.89
C SER D 199 -21.75 12.65 -17.04
N LEU D 200 -21.04 13.14 -18.05
CA LEU D 200 -21.63 13.57 -19.30
C LEU D 200 -20.61 13.35 -20.41
N SER D 201 -21.11 13.23 -21.63
CA SER D 201 -20.25 13.16 -22.81
C SER D 201 -20.88 13.99 -23.91
N LEU D 202 -20.04 14.71 -24.65
CA LEU D 202 -20.51 15.54 -25.74
C LEU D 202 -20.55 14.75 -27.03
N ALA D 203 -21.54 15.02 -27.86
CA ALA D 203 -21.60 14.44 -29.19
C ALA D 203 -20.47 15.02 -30.04
N PRO D 204 -20.07 14.30 -31.09
CA PRO D 204 -19.02 14.84 -31.97
C PRO D 204 -19.39 16.18 -32.60
N ASP D 205 -20.67 16.44 -32.85
CA ASP D 205 -21.11 17.71 -33.39
C ASP D 205 -21.34 18.77 -32.32
N THR D 206 -21.23 18.40 -31.04
CA THR D 206 -21.48 19.28 -29.89
C THR D 206 -22.84 19.97 -29.97
N ARG D 207 -23.81 19.31 -30.62
CA ARG D 207 -25.19 19.78 -30.61
C ARG D 207 -26.04 19.05 -29.57
N LEU D 208 -25.59 17.89 -29.10
CA LEU D 208 -26.27 17.10 -28.10
C LEU D 208 -25.25 16.59 -27.10
N PHE D 209 -25.74 16.15 -25.94
CA PHE D 209 -24.89 15.47 -24.97
C PHE D 209 -25.76 14.57 -24.12
N VAL D 210 -25.20 13.44 -23.72
CA VAL D 210 -25.89 12.50 -22.83
C VAL D 210 -25.27 12.61 -21.45
N SER D 211 -26.11 12.42 -20.43
CA SER D 211 -25.65 12.42 -19.06
C SER D 211 -26.28 11.25 -18.32
N GLY D 212 -25.51 10.62 -17.45
CA GLY D 212 -25.99 9.54 -16.61
C GLY D 212 -25.92 9.98 -15.15
N ALA D 213 -26.94 9.59 -14.37
CA ALA D 213 -27.06 10.05 -13.01
C ALA D 213 -27.28 8.89 -12.06
N CYS D 214 -27.39 9.22 -10.77
CA CYS D 214 -27.62 8.22 -9.73
C CYS D 214 -29.11 7.90 -9.62
N ASP D 215 -29.74 7.59 -10.75
CA ASP D 215 -31.09 7.04 -10.77
C ASP D 215 -31.24 5.97 -11.83
N ALA D 216 -30.14 5.35 -12.25
CA ALA D 216 -30.13 4.27 -13.24
C ALA D 216 -30.74 4.72 -14.56
N SER D 217 -30.57 6.00 -14.88
CA SER D 217 -31.14 6.59 -16.08
C SER D 217 -30.12 7.48 -16.76
N ALA D 218 -30.18 7.51 -18.09
CA ALA D 218 -29.36 8.39 -18.91
C ALA D 218 -30.28 9.24 -19.78
N LYS D 219 -29.98 10.52 -19.89
CA LYS D 219 -30.82 11.46 -20.61
C LYS D 219 -30.05 12.11 -21.74
N LEU D 220 -30.70 12.27 -22.88
CA LEU D 220 -30.13 12.95 -24.04
C LEU D 220 -30.67 14.37 -24.09
N TRP D 221 -29.76 15.34 -24.02
CA TRP D 221 -30.14 16.75 -23.97
C TRP D 221 -29.77 17.46 -25.26
N ASP D 222 -30.55 18.48 -25.59
CA ASP D 222 -30.27 19.38 -26.70
C ASP D 222 -29.59 20.63 -26.16
N VAL D 223 -28.35 20.85 -26.58
CA VAL D 223 -27.57 21.95 -26.02
C VAL D 223 -28.20 23.30 -26.36
N ARG D 224 -28.63 23.47 -27.62
CA ARG D 224 -29.12 24.77 -28.07
C ARG D 224 -30.46 25.12 -27.43
N GLU D 225 -31.40 24.17 -27.45
CA GLU D 225 -32.76 24.46 -26.98
C GLU D 225 -32.87 24.31 -25.47
N GLY D 226 -32.07 23.43 -24.88
CA GLY D 226 -32.05 23.24 -23.46
C GLY D 226 -33.06 22.24 -22.94
N MET D 227 -33.42 21.24 -23.72
CA MET D 227 -34.49 20.32 -23.39
C MET D 227 -34.02 18.89 -23.56
N CYS D 228 -34.66 17.98 -22.84
CA CYS D 228 -34.35 16.56 -22.95
C CYS D 228 -35.05 15.94 -24.14
N ARG D 229 -34.29 15.19 -24.93
CA ARG D 229 -34.83 14.46 -26.08
C ARG D 229 -35.27 13.06 -25.75
N GLN D 230 -34.44 12.28 -25.07
CA GLN D 230 -34.73 10.88 -24.79
C GLN D 230 -34.20 10.51 -23.42
N THR D 231 -34.84 9.52 -22.81
CA THR D 231 -34.43 8.96 -21.54
C THR D 231 -34.15 7.48 -21.75
N PHE D 232 -33.02 7.01 -21.24
CA PHE D 232 -32.61 5.62 -21.41
C PHE D 232 -32.48 4.96 -20.04
N THR D 233 -33.28 3.93 -19.80
CA THR D 233 -33.32 3.24 -18.51
C THR D 233 -33.12 1.75 -18.74
N GLY D 234 -31.89 1.29 -18.61
CA GLY D 234 -31.62 -0.14 -18.69
C GLY D 234 -30.83 -0.64 -17.51
N HIS D 235 -30.15 0.27 -16.81
CA HIS D 235 -29.31 -0.12 -15.68
C HIS D 235 -30.15 -0.33 -14.43
N GLU D 236 -29.50 -0.92 -13.42
CA GLU D 236 -30.15 -1.16 -12.14
C GLU D 236 -29.61 -0.34 -10.99
N SER D 237 -28.44 0.29 -11.16
CA SER D 237 -27.85 1.10 -10.10
C SER D 237 -27.34 2.40 -10.72
N ASP D 238 -26.60 3.16 -9.91
CA ASP D 238 -26.12 4.47 -10.34
C ASP D 238 -25.17 4.35 -11.52
N ILE D 239 -25.37 5.21 -12.51
CA ILE D 239 -24.54 5.25 -13.71
C ILE D 239 -23.34 6.14 -13.41
N ASN D 240 -22.13 5.57 -13.48
CA ASN D 240 -20.94 6.32 -13.14
C ASN D 240 -20.24 6.89 -14.37
N ALA D 241 -20.42 6.26 -15.53
CA ALA D 241 -19.69 6.64 -16.74
C ALA D 241 -20.60 6.63 -17.94
N ILE D 242 -20.24 7.43 -18.94
CA ILE D 242 -21.01 7.55 -20.17
C ILE D 242 -20.07 8.05 -21.27
N CYS D 243 -20.34 7.63 -22.50
CA CYS D 243 -19.48 7.97 -23.63
C CYS D 243 -20.23 7.70 -24.92
N PHE D 244 -20.17 8.64 -25.85
CA PHE D 244 -20.73 8.42 -27.19
C PHE D 244 -19.90 7.45 -28.01
N PHE D 245 -20.61 6.69 -28.85
CA PHE D 245 -19.99 5.99 -29.96
C PHE D 245 -19.37 7.00 -30.91
N PRO D 246 -18.27 6.65 -31.59
CA PRO D 246 -17.65 7.60 -32.52
C PRO D 246 -18.58 8.11 -33.60
N ASN D 247 -19.56 7.30 -34.01
CA ASN D 247 -20.54 7.74 -35.01
C ASN D 247 -21.45 8.83 -34.49
N GLY D 248 -21.71 8.86 -33.18
CA GLY D 248 -22.62 9.81 -32.59
C GLY D 248 -24.05 9.36 -32.49
N ASN D 249 -24.39 8.17 -32.99
CA ASN D 249 -25.75 7.65 -32.95
C ASN D 249 -25.94 6.64 -31.84
N ALA D 250 -24.97 6.49 -30.95
CA ALA D 250 -25.05 5.51 -29.87
C ALA D 250 -24.12 5.95 -28.76
N PHE D 251 -24.31 5.35 -27.58
CA PHE D 251 -23.46 5.64 -26.44
C PHE D 251 -23.47 4.46 -25.49
N ALA D 252 -22.46 4.42 -24.61
CA ALA D 252 -22.31 3.35 -23.65
C ALA D 252 -22.20 3.91 -22.24
N THR D 253 -22.79 3.21 -21.29
CA THR D 253 -22.83 3.62 -19.89
C THR D 253 -22.28 2.52 -19.01
N GLY D 254 -21.54 2.91 -17.98
CA GLY D 254 -21.09 2.00 -16.94
C GLY D 254 -21.74 2.36 -15.62
N SER D 255 -22.13 1.35 -14.85
CA SER D 255 -22.91 1.58 -13.65
C SER D 255 -22.37 0.73 -12.49
N ASP D 256 -22.95 0.96 -11.31
CA ASP D 256 -22.60 0.22 -10.11
C ASP D 256 -23.13 -1.21 -10.12
N ASP D 257 -24.03 -1.55 -11.03
CA ASP D 257 -24.55 -2.90 -11.13
C ASP D 257 -23.64 -3.84 -11.92
N ALA D 258 -22.37 -3.46 -12.07
CA ALA D 258 -21.32 -4.29 -12.65
C ALA D 258 -21.55 -4.60 -14.13
N THR D 259 -22.33 -3.77 -14.83
CA THR D 259 -22.58 -3.97 -16.24
C THR D 259 -22.31 -2.68 -17.01
N CYS D 260 -21.89 -2.85 -18.26
CA CYS D 260 -21.85 -1.78 -19.25
C CYS D 260 -22.92 -2.08 -20.28
N ARG D 261 -23.61 -1.04 -20.74
CA ARG D 261 -24.71 -1.20 -21.67
C ARG D 261 -24.58 -0.21 -22.80
N LEU D 262 -25.01 -0.64 -24.00
CA LEU D 262 -24.94 0.17 -25.20
C LEU D 262 -26.35 0.56 -25.60
N PHE D 263 -26.59 1.86 -25.77
CA PHE D 263 -27.89 2.39 -26.17
C PHE D 263 -27.78 3.02 -27.55
N ASP D 264 -28.90 3.02 -28.27
CA ASP D 264 -28.97 3.61 -29.60
C ASP D 264 -29.90 4.80 -29.56
N LEU D 265 -29.42 5.95 -30.05
CA LEU D 265 -30.24 7.16 -30.04
C LEU D 265 -31.45 7.02 -30.96
N ARG D 266 -31.24 6.47 -32.16
CA ARG D 266 -32.33 6.38 -33.12
C ARG D 266 -33.31 5.27 -32.78
N ALA D 267 -32.82 4.16 -32.24
CA ALA D 267 -33.70 3.08 -31.78
C ALA D 267 -34.29 3.34 -30.41
N ASP D 268 -33.73 4.30 -29.66
CA ASP D 268 -34.26 4.71 -28.36
C ASP D 268 -34.36 3.56 -27.37
N GLN D 269 -33.36 2.69 -27.34
CA GLN D 269 -33.40 1.55 -26.43
C GLN D 269 -32.01 0.92 -26.35
N GLU D 270 -31.94 -0.21 -25.67
CA GLU D 270 -30.70 -0.95 -25.45
C GLU D 270 -30.34 -1.80 -26.66
N LEU D 271 -29.04 -1.99 -26.88
CA LEU D 271 -28.54 -2.90 -27.90
C LEU D 271 -27.79 -4.08 -27.30
N MET D 272 -26.79 -3.83 -26.46
CA MET D 272 -25.98 -4.89 -25.88
C MET D 272 -25.66 -4.59 -24.42
N THR D 273 -25.49 -5.65 -23.65
CA THR D 273 -25.01 -5.57 -22.27
C THR D 273 -23.65 -6.25 -22.19
N TYR D 274 -22.69 -5.58 -21.58
CA TYR D 274 -21.31 -6.05 -21.48
C TYR D 274 -21.06 -6.44 -20.02
N SER D 275 -21.23 -7.73 -19.71
CA SER D 275 -21.15 -8.20 -18.35
C SER D 275 -20.64 -9.63 -18.32
N HIS D 276 -20.13 -10.03 -17.16
CA HIS D 276 -19.66 -11.40 -16.94
C HIS D 276 -19.87 -11.73 -15.47
N ASP D 277 -19.94 -13.04 -15.19
CA ASP D 277 -20.25 -13.49 -13.84
C ASP D 277 -19.15 -13.16 -12.85
N ASN D 278 -17.91 -13.02 -13.32
CA ASN D 278 -16.78 -12.78 -12.44
C ASN D 278 -16.64 -11.32 -12.02
N ILE D 279 -17.36 -10.40 -12.66
CA ILE D 279 -17.33 -8.98 -12.28
C ILE D 279 -18.55 -8.69 -11.42
N ILE D 280 -18.28 -8.32 -10.16
CA ILE D 280 -19.33 -7.93 -9.24
C ILE D 280 -19.00 -6.54 -8.72
N CYS D 281 -18.09 -5.86 -9.40
CA CYS D 281 -17.68 -4.51 -9.05
C CYS D 281 -18.25 -3.51 -10.06
N GLY D 282 -18.46 -2.29 -9.61
CA GLY D 282 -19.04 -1.27 -10.47
C GLY D 282 -18.03 -0.72 -11.47
N ILE D 283 -18.56 -0.22 -12.59
CA ILE D 283 -17.73 0.43 -13.59
C ILE D 283 -17.59 1.91 -13.23
N THR D 284 -16.35 2.39 -13.23
CA THR D 284 -16.07 3.79 -12.92
C THR D 284 -15.88 4.66 -14.16
N SER D 285 -15.47 4.07 -15.28
CA SER D 285 -15.14 4.83 -16.47
C SER D 285 -15.30 3.94 -17.69
N VAL D 286 -15.77 4.54 -18.79
CA VAL D 286 -15.91 3.84 -20.06
C VAL D 286 -15.36 4.73 -21.18
N SER D 287 -14.95 4.07 -22.26
CA SER D 287 -14.51 4.79 -23.46
C SER D 287 -14.48 3.82 -24.63
N PHE D 288 -14.62 4.35 -25.83
CA PHE D 288 -14.56 3.57 -27.05
C PHE D 288 -13.21 3.72 -27.72
N SER D 289 -12.91 2.81 -28.64
CA SER D 289 -11.77 2.98 -29.53
C SER D 289 -12.15 3.91 -30.68
N LYS D 290 -11.17 4.20 -31.55
CA LYS D 290 -11.39 5.18 -32.59
C LYS D 290 -12.47 4.72 -33.58
N SER D 291 -12.48 3.43 -33.91
CA SER D 291 -13.51 2.89 -34.79
C SER D 291 -14.77 2.47 -34.03
N GLY D 292 -14.73 2.48 -32.70
CA GLY D 292 -15.87 2.04 -31.92
C GLY D 292 -16.00 0.55 -31.78
N ARG D 293 -15.03 -0.22 -32.28
CA ARG D 293 -15.07 -1.67 -32.18
C ARG D 293 -14.77 -2.18 -30.78
N LEU D 294 -13.93 -1.47 -30.02
CA LEU D 294 -13.60 -1.86 -28.66
C LEU D 294 -14.20 -0.87 -27.68
N LEU D 295 -14.75 -1.39 -26.59
CA LEU D 295 -15.25 -0.59 -25.49
C LEU D 295 -14.37 -0.87 -24.28
N LEU D 296 -13.65 0.15 -23.82
CA LEU D 296 -12.78 0.01 -22.67
C LEU D 296 -13.46 0.56 -21.43
N ALA D 297 -13.46 -0.23 -20.36
CA ALA D 297 -14.15 0.13 -19.14
C ALA D 297 -13.27 -0.12 -17.94
N GLY D 298 -13.19 0.87 -17.04
CA GLY D 298 -12.50 0.68 -15.78
C GLY D 298 -13.45 0.20 -14.69
N TYR D 299 -12.90 -0.56 -13.75
CA TYR D 299 -13.70 -1.23 -12.74
C TYR D 299 -13.12 -0.98 -11.36
N ASP D 300 -13.87 -1.40 -10.32
CA ASP D 300 -13.47 -1.26 -8.90
C ASP D 300 -12.53 -2.41 -8.52
N ASP D 301 -12.27 -3.32 -9.45
CA ASP D 301 -11.38 -4.49 -9.23
C ASP D 301 -9.94 -4.06 -9.50
N PHE D 302 -9.71 -2.78 -9.83
CA PHE D 302 -8.35 -2.22 -10.09
C PHE D 302 -7.90 -2.54 -11.51
N ASN D 303 -8.81 -3.06 -12.34
CA ASN D 303 -8.43 -3.50 -13.72
C ASN D 303 -9.35 -2.86 -14.75
N CYS D 304 -8.90 -2.75 -16.00
CA CYS D 304 -9.75 -2.22 -17.09
C CYS D 304 -10.00 -3.35 -18.09
N ASN D 305 -11.26 -3.59 -18.43
CA ASN D 305 -11.64 -4.63 -19.36
C ASN D 305 -11.88 -4.03 -20.75
N VAL D 306 -11.39 -4.74 -21.77
CA VAL D 306 -11.61 -4.36 -23.16
C VAL D 306 -12.69 -5.27 -23.71
N TRP D 307 -13.73 -4.67 -24.29
CA TRP D 307 -14.89 -5.41 -24.76
C TRP D 307 -15.02 -5.27 -26.27
N ASP D 308 -15.39 -6.37 -26.92
CA ASP D 308 -15.83 -6.31 -28.30
C ASP D 308 -17.22 -5.68 -28.34
N ALA D 309 -17.31 -4.48 -28.90
CA ALA D 309 -18.57 -3.75 -28.85
C ALA D 309 -19.68 -4.45 -29.61
N LEU D 310 -19.36 -5.07 -30.74
CA LEU D 310 -20.36 -5.76 -31.55
C LEU D 310 -20.56 -7.21 -31.14
N LYS D 311 -19.71 -7.75 -30.26
CA LYS D 311 -19.79 -9.14 -29.86
C LYS D 311 -20.01 -9.34 -28.36
N ALA D 312 -19.77 -8.33 -27.54
CA ALA D 312 -19.87 -8.37 -26.09
C ALA D 312 -18.84 -9.30 -25.45
N ASP D 313 -17.81 -9.70 -26.19
CA ASP D 313 -16.75 -10.53 -25.65
C ASP D 313 -15.67 -9.66 -25.03
N ARG D 314 -15.01 -10.19 -24.00
CA ARG D 314 -13.89 -9.50 -23.37
C ARG D 314 -12.65 -9.72 -24.22
N ALA D 315 -12.26 -8.71 -24.99
CA ALA D 315 -11.10 -8.82 -25.86
C ALA D 315 -9.80 -8.88 -25.05
N GLY D 316 -9.72 -8.10 -23.98
CA GLY D 316 -8.49 -8.06 -23.21
C GLY D 316 -8.72 -7.40 -21.86
N VAL D 317 -7.62 -7.25 -21.13
CA VAL D 317 -7.64 -6.66 -19.79
C VAL D 317 -6.41 -5.77 -19.63
N LEU D 318 -6.62 -4.59 -19.05
CA LEU D 318 -5.52 -3.72 -18.61
C LEU D 318 -5.41 -3.89 -17.10
N ALA D 319 -4.34 -4.54 -16.65
CA ALA D 319 -4.26 -5.00 -15.27
C ALA D 319 -3.01 -4.52 -14.55
N GLY D 320 -2.71 -3.22 -14.62
CA GLY D 320 -1.49 -2.72 -14.03
C GLY D 320 -1.64 -1.78 -12.84
N HIS D 321 -2.86 -1.50 -12.42
CA HIS D 321 -3.10 -0.54 -11.36
C HIS D 321 -3.31 -1.25 -10.03
N ASP D 322 -2.82 -0.62 -8.95
CA ASP D 322 -2.88 -1.21 -7.61
C ASP D 322 -4.11 -0.77 -6.82
N ASN D 323 -4.93 0.11 -7.38
CA ASN D 323 -6.09 0.61 -6.66
C ASN D 323 -7.19 0.87 -7.68
N ARG D 324 -8.31 1.39 -7.18
CA ARG D 324 -9.51 1.55 -8.00
C ARG D 324 -9.22 2.43 -9.21
N VAL D 325 -9.59 1.92 -10.40
CA VAL D 325 -9.45 2.70 -11.63
C VAL D 325 -10.57 3.73 -11.66
N SER D 326 -10.19 5.01 -11.66
CA SER D 326 -11.16 6.09 -11.55
C SER D 326 -11.47 6.75 -12.89
N CYS D 327 -10.50 6.82 -13.79
CA CYS D 327 -10.67 7.51 -15.06
C CYS D 327 -9.98 6.73 -16.16
N LEU D 328 -10.36 7.02 -17.39
CA LEU D 328 -9.95 6.24 -18.55
C LEU D 328 -10.27 7.03 -19.81
N GLY D 329 -9.31 7.11 -20.72
CA GLY D 329 -9.52 7.86 -21.94
C GLY D 329 -8.71 7.38 -23.12
N VAL D 330 -9.25 7.57 -24.33
CA VAL D 330 -8.59 7.19 -25.57
C VAL D 330 -8.32 8.45 -26.38
N THR D 331 -7.13 8.51 -26.98
CA THR D 331 -6.73 9.70 -27.72
C THR D 331 -7.61 9.89 -28.96
N ASP D 332 -7.61 11.11 -29.49
CA ASP D 332 -8.41 11.41 -30.67
C ASP D 332 -7.92 10.68 -31.91
N ASP D 333 -6.63 10.36 -31.97
CA ASP D 333 -6.12 9.52 -33.05
C ASP D 333 -6.23 8.04 -32.74
N GLY D 334 -6.67 7.67 -31.54
CA GLY D 334 -6.82 6.28 -31.16
C GLY D 334 -5.53 5.55 -30.90
N MET D 335 -4.42 6.28 -30.70
CA MET D 335 -3.11 5.64 -30.60
C MET D 335 -2.84 5.07 -29.23
N ALA D 336 -3.48 5.60 -28.18
CA ALA D 336 -3.17 5.18 -26.83
C ALA D 336 -4.40 5.26 -25.95
N VAL D 337 -4.34 4.56 -24.83
CA VAL D 337 -5.34 4.63 -23.77
C VAL D 337 -4.61 5.04 -22.50
N ALA D 338 -5.12 6.06 -21.82
CA ALA D 338 -4.60 6.47 -20.53
C ALA D 338 -5.63 6.16 -19.46
N THR D 339 -5.18 5.52 -18.38
CA THR D 339 -6.03 5.23 -17.24
C THR D 339 -5.43 5.83 -15.99
N GLY D 340 -6.29 6.42 -15.17
CA GLY D 340 -5.88 6.90 -13.86
C GLY D 340 -6.42 5.98 -12.79
N SER D 341 -5.92 6.10 -11.57
CA SER D 341 -6.32 5.19 -10.51
C SER D 341 -6.13 5.87 -9.16
N TRP D 342 -6.73 5.25 -8.15
CA TRP D 342 -6.60 5.74 -6.77
C TRP D 342 -5.22 5.49 -6.20
N ASP D 343 -4.38 4.71 -6.87
CA ASP D 343 -2.99 4.53 -6.45
C ASP D 343 -2.10 5.69 -6.87
N SER D 344 -2.68 6.76 -7.43
CA SER D 344 -2.02 8.01 -7.76
C SER D 344 -1.12 7.93 -8.99
N PHE D 345 -1.37 6.97 -9.89
CA PHE D 345 -0.53 6.80 -11.08
C PHE D 345 -1.40 6.83 -12.33
N LEU D 346 -0.86 7.43 -13.38
CA LEU D 346 -1.47 7.39 -14.71
C LEU D 346 -0.63 6.46 -15.58
N LYS D 347 -1.29 5.53 -16.25
CA LYS D 347 -0.63 4.57 -17.12
C LYS D 347 -1.17 4.71 -18.53
N ILE D 348 -0.27 4.65 -19.51
CA ILE D 348 -0.62 4.78 -20.92
C ILE D 348 -0.42 3.42 -21.58
N TRP D 349 -1.44 2.95 -22.28
CA TRP D 349 -1.48 1.62 -22.85
C TRP D 349 -1.57 1.71 -24.36
N ASN D 350 -0.91 0.81 -25.06
CA ASN D 350 -0.84 0.88 -26.50
C ASN D 350 -0.46 -0.47 -27.09
N THR E 2 -49.31 19.86 -2.47
CA THR E 2 -49.36 20.63 -3.71
C THR E 2 -48.00 20.65 -4.41
N ALA E 3 -46.94 20.43 -3.63
CA ALA E 3 -45.61 20.35 -4.20
C ALA E 3 -45.46 19.14 -5.13
N SER E 4 -46.03 18.00 -4.73
CA SER E 4 -45.97 16.80 -5.56
C SER E 4 -46.78 16.95 -6.83
N ILE E 5 -47.82 17.78 -6.83
CA ILE E 5 -48.61 17.98 -8.04
C ILE E 5 -47.78 18.65 -9.13
N ALA E 6 -47.00 19.67 -8.76
CA ALA E 6 -46.20 20.40 -9.75
C ALA E 6 -45.17 19.48 -10.40
N GLN E 7 -44.52 18.63 -9.60
CA GLN E 7 -43.56 17.68 -10.17
C GLN E 7 -44.24 16.69 -11.10
N ALA E 8 -45.44 16.24 -10.73
CA ALA E 8 -46.16 15.28 -11.56
C ALA E 8 -46.52 15.87 -12.93
N ARG E 9 -46.89 17.16 -12.96
CA ARG E 9 -47.14 17.80 -14.25
C ARG E 9 -45.87 17.87 -15.10
N LYS E 10 -44.73 18.15 -14.46
CA LYS E 10 -43.46 18.18 -15.19
C LYS E 10 -43.10 16.81 -15.74
N LEU E 11 -43.31 15.75 -14.95
CA LEU E 11 -43.00 14.41 -15.41
C LEU E 11 -43.89 13.99 -16.57
N VAL E 12 -45.19 14.28 -16.47
CA VAL E 12 -46.13 13.80 -17.48
C VAL E 12 -45.94 14.53 -18.81
N GLU E 13 -45.56 15.82 -18.77
CA GLU E 13 -45.34 16.55 -20.01
C GLU E 13 -44.08 16.06 -20.72
N GLN E 14 -43.05 15.68 -19.96
CA GLN E 14 -41.85 15.12 -20.56
C GLN E 14 -42.14 13.77 -21.20
N LEU E 15 -42.92 12.92 -20.52
CA LEU E 15 -43.23 11.60 -21.06
C LEU E 15 -44.01 11.70 -22.36
N LYS E 16 -44.97 12.63 -22.44
CA LYS E 16 -45.78 12.77 -23.64
C LYS E 16 -44.93 13.14 -24.85
N MET E 17 -43.99 14.07 -24.68
CA MET E 17 -43.27 14.61 -25.82
C MET E 17 -42.13 13.71 -26.29
N GLU E 18 -41.64 12.82 -25.43
CA GLU E 18 -40.64 11.84 -25.84
C GLU E 18 -41.25 10.52 -26.27
N ALA E 19 -42.57 10.40 -26.23
CA ALA E 19 -43.26 9.21 -26.71
C ALA E 19 -43.67 9.31 -28.16
N ASN E 20 -43.51 10.47 -28.78
CA ASN E 20 -43.95 10.70 -30.16
C ASN E 20 -42.80 10.72 -31.16
N ILE E 21 -41.58 10.42 -30.73
CA ILE E 21 -40.45 10.44 -31.65
C ILE E 21 -40.48 9.22 -32.56
N ASP E 22 -39.78 9.34 -33.69
CA ASP E 22 -39.74 8.27 -34.68
C ASP E 22 -38.58 7.34 -34.35
N ARG E 23 -38.88 6.06 -34.19
CA ARG E 23 -37.89 5.04 -33.84
C ARG E 23 -37.70 4.09 -35.01
N ILE E 24 -36.45 3.91 -35.42
CA ILE E 24 -36.14 2.95 -36.47
C ILE E 24 -36.04 1.55 -35.87
N LYS E 25 -36.02 0.55 -36.75
CA LYS E 25 -35.85 -0.82 -36.30
C LYS E 25 -34.48 -1.01 -35.68
N VAL E 26 -34.41 -1.91 -34.69
CA VAL E 26 -33.13 -2.22 -34.06
C VAL E 26 -32.20 -2.89 -35.06
N SER E 27 -32.75 -3.65 -36.00
CA SER E 27 -31.93 -4.27 -37.05
C SER E 27 -31.23 -3.20 -37.89
N LYS E 28 -31.95 -2.13 -38.24
CA LYS E 28 -31.35 -1.04 -38.98
C LYS E 28 -30.34 -0.28 -38.13
N ALA E 29 -30.67 -0.04 -36.86
CA ALA E 29 -29.77 0.70 -35.98
C ALA E 29 -28.49 -0.07 -35.73
N ALA E 30 -28.59 -1.40 -35.55
CA ALA E 30 -27.41 -2.20 -35.27
C ALA E 30 -26.54 -2.39 -36.50
N ALA E 31 -27.15 -2.44 -37.68
CA ALA E 31 -26.37 -2.62 -38.91
C ALA E 31 -25.51 -1.40 -39.21
N ASP E 32 -25.93 -0.21 -38.76
CA ASP E 32 -25.13 1.00 -38.96
C ASP E 32 -23.94 1.07 -38.03
N LEU E 33 -24.07 0.59 -36.79
CA LEU E 33 -22.91 0.50 -35.91
C LEU E 33 -21.93 -0.57 -36.39
N MET E 34 -22.45 -1.68 -36.91
CA MET E 34 -21.59 -2.71 -37.49
C MET E 34 -20.88 -2.18 -38.74
N ALA E 35 -21.59 -1.42 -39.57
CA ALA E 35 -20.97 -0.87 -40.77
C ALA E 35 -19.96 0.22 -40.47
N TYR E 36 -20.21 1.02 -39.43
CA TYR E 36 -19.25 2.07 -39.08
C TYR E 36 -17.92 1.49 -38.64
N CYS E 37 -17.96 0.42 -37.85
CA CYS E 37 -16.73 -0.21 -37.39
C CYS E 37 -15.96 -0.90 -38.51
N GLU E 38 -16.64 -1.38 -39.54
CA GLU E 38 -16.00 -2.02 -40.68
C GLU E 38 -15.37 -1.02 -41.64
N ALA E 39 -15.91 0.19 -41.71
CA ALA E 39 -15.33 1.22 -42.57
C ALA E 39 -14.16 1.93 -41.91
N HIS E 40 -14.00 1.79 -40.59
CA HIS E 40 -12.93 2.46 -39.86
C HIS E 40 -12.01 1.47 -39.16
N ALA E 41 -12.05 0.19 -39.56
CA ALA E 41 -11.25 -0.83 -38.91
C ALA E 41 -9.76 -0.56 -39.09
N LYS E 42 -9.35 -0.17 -40.30
CA LYS E 42 -7.94 0.08 -40.56
C LYS E 42 -7.41 1.26 -39.76
N GLU E 43 -8.21 2.31 -39.60
CA GLU E 43 -7.82 3.47 -38.81
C GLU E 43 -8.24 3.27 -37.35
N ASP E 44 -7.61 2.28 -36.72
CA ASP E 44 -7.79 2.01 -35.30
C ASP E 44 -6.49 1.39 -34.79
N PRO E 45 -5.60 2.21 -34.23
CA PRO E 45 -4.30 1.70 -33.76
C PRO E 45 -4.41 0.65 -32.66
N LEU E 46 -5.51 0.66 -31.90
CA LEU E 46 -5.72 -0.32 -30.85
C LEU E 46 -6.34 -1.61 -31.37
N LEU E 47 -7.25 -1.51 -32.34
CA LEU E 47 -7.81 -2.70 -32.96
C LEU E 47 -6.78 -3.41 -33.80
N THR E 48 -6.09 -2.67 -34.67
CA THR E 48 -4.99 -3.19 -35.47
C THR E 48 -3.71 -2.48 -35.05
N PRO E 49 -2.83 -3.13 -34.30
CA PRO E 49 -1.64 -2.44 -33.77
C PRO E 49 -0.77 -1.89 -34.90
N VAL E 50 -0.31 -0.66 -34.70
CA VAL E 50 0.55 0.04 -35.66
C VAL E 50 1.98 -0.49 -35.55
N PRO E 51 2.76 -0.43 -36.63
CA PRO E 51 4.17 -0.83 -36.53
C PRO E 51 4.91 0.03 -35.51
N ALA E 52 5.90 -0.57 -34.85
CA ALA E 52 6.66 0.14 -33.83
C ALA E 52 7.40 1.34 -34.38
N SER E 53 7.58 1.42 -35.71
CA SER E 53 8.17 2.60 -36.32
C SER E 53 7.26 3.82 -36.20
N GLU E 54 5.95 3.63 -36.28
CA GLU E 54 5.00 4.74 -36.20
C GLU E 54 4.30 4.82 -34.85
N ASN E 55 4.83 4.17 -33.83
CA ASN E 55 4.24 4.22 -32.49
C ASN E 55 4.94 5.30 -31.68
N PRO E 56 4.26 6.40 -31.33
CA PRO E 56 4.91 7.42 -30.50
C PRO E 56 5.29 6.91 -29.12
N PHE E 57 4.53 5.95 -28.59
CA PHE E 57 4.83 5.35 -27.28
C PHE E 57 5.58 4.04 -27.50
N ARG E 58 6.79 4.17 -28.02
CA ARG E 58 7.62 3.01 -28.31
C ARG E 58 8.78 2.90 -27.32
N GLN F 1 -37.29 -0.29 -15.98
CA GLN F 1 -36.46 0.36 -14.98
C GLN F 1 -36.74 -0.19 -13.59
N VAL F 2 -35.96 0.27 -12.61
CA VAL F 2 -36.13 -0.19 -11.23
C VAL F 2 -37.48 0.30 -10.72
N GLN F 3 -38.38 -0.64 -10.45
CA GLN F 3 -39.75 -0.32 -10.04
C GLN F 3 -40.03 -1.00 -8.71
N LEU F 4 -40.53 -0.24 -7.74
CA LEU F 4 -40.93 -0.77 -6.45
C LEU F 4 -42.35 -0.30 -6.17
N GLN F 5 -43.29 -1.25 -6.06
CA GLN F 5 -44.69 -0.95 -5.83
C GLN F 5 -45.15 -1.67 -4.58
N GLU F 6 -45.65 -0.91 -3.60
CA GLU F 6 -46.13 -1.46 -2.34
C GLU F 6 -47.63 -1.66 -2.40
N SER F 7 -48.09 -2.75 -1.79
CA SER F 7 -49.49 -3.06 -1.65
C SER F 7 -49.83 -3.28 -0.18
N GLY F 8 -51.12 -3.31 0.11
CA GLY F 8 -51.58 -3.45 1.47
C GLY F 8 -51.62 -2.11 2.19
N GLY F 9 -52.21 -2.12 3.37
CA GLY F 9 -52.39 -0.93 4.17
C GLY F 9 -53.82 -0.45 4.16
N GLY F 10 -54.06 0.57 4.99
CA GLY F 10 -55.38 1.14 5.15
C GLY F 10 -55.67 1.38 6.61
N LEU F 11 -56.95 1.59 6.91
CA LEU F 11 -57.37 1.87 8.27
C LEU F 11 -57.48 0.57 9.07
N VAL F 12 -56.92 0.58 10.27
CA VAL F 12 -57.01 -0.53 11.20
C VAL F 12 -57.17 0.01 12.61
N GLN F 13 -57.94 -0.71 13.42
CA GLN F 13 -58.12 -0.34 14.82
C GLN F 13 -56.81 -0.51 15.57
N PRO F 14 -56.65 0.20 16.71
CA PRO F 14 -55.46 -0.02 17.54
C PRO F 14 -55.28 -1.50 17.88
N GLY F 15 -54.16 -2.06 17.46
CA GLY F 15 -53.97 -3.49 17.42
C GLY F 15 -54.16 -4.04 16.02
N GLY F 16 -54.48 -5.32 15.96
CA GLY F 16 -54.77 -5.94 14.68
C GLY F 16 -53.55 -6.16 13.83
N SER F 17 -53.74 -6.80 12.68
CA SER F 17 -52.64 -7.16 11.78
C SER F 17 -52.79 -6.44 10.45
N LEU F 18 -51.66 -6.06 9.88
CA LEU F 18 -51.62 -5.40 8.57
C LEU F 18 -50.33 -5.80 7.89
N ARG F 19 -50.43 -6.48 6.74
CA ARG F 19 -49.26 -6.99 6.04
C ARG F 19 -48.99 -6.16 4.79
N LEU F 20 -47.75 -5.72 4.63
CA LEU F 20 -47.32 -4.97 3.46
C LEU F 20 -46.55 -5.87 2.51
N SER F 21 -46.83 -5.73 1.22
CA SER F 21 -46.11 -6.44 0.17
C SER F 21 -45.45 -5.44 -0.76
N CYS F 22 -44.23 -5.73 -1.17
CA CYS F 22 -43.48 -4.88 -2.08
C CYS F 22 -43.09 -5.68 -3.31
N ALA F 23 -43.74 -5.39 -4.44
CA ALA F 23 -43.44 -6.05 -5.70
C ALA F 23 -42.29 -5.32 -6.37
N ALA F 24 -41.22 -6.05 -6.67
CA ALA F 24 -40.02 -5.46 -7.22
C ALA F 24 -39.80 -5.94 -8.64
N SER F 25 -39.23 -5.06 -9.46
CA SER F 25 -38.93 -5.37 -10.86
C SER F 25 -37.85 -4.42 -11.33
N GLY F 26 -37.24 -4.76 -12.47
CA GLY F 26 -36.20 -3.94 -13.04
C GLY F 26 -34.81 -4.15 -12.46
N PHE F 27 -34.63 -5.15 -11.61
CA PHE F 27 -33.34 -5.49 -11.05
C PHE F 27 -33.42 -6.90 -10.50
N THR F 28 -32.25 -7.49 -10.26
CA THR F 28 -32.18 -8.81 -9.64
C THR F 28 -32.41 -8.66 -8.14
N PHE F 29 -33.56 -9.15 -7.67
CA PHE F 29 -33.96 -8.91 -6.29
C PHE F 29 -32.98 -9.51 -5.29
N SER F 30 -32.43 -10.69 -5.59
CA SER F 30 -31.62 -11.41 -4.63
C SER F 30 -30.26 -10.78 -4.37
N ASN F 31 -29.86 -9.78 -5.16
CA ASN F 31 -28.53 -9.19 -5.01
C ASN F 31 -28.51 -7.95 -4.14
N TYR F 32 -29.64 -7.50 -3.63
CA TYR F 32 -29.74 -6.25 -2.90
C TYR F 32 -30.32 -6.46 -1.51
N LYS F 33 -29.80 -5.69 -0.55
CA LYS F 33 -30.49 -5.54 0.71
C LYS F 33 -31.72 -4.66 0.52
N MET F 34 -32.81 -5.04 1.16
CA MET F 34 -34.07 -4.32 1.05
C MET F 34 -34.44 -3.72 2.40
N ASN F 35 -35.03 -2.53 2.35
CA ASN F 35 -35.30 -1.73 3.57
C ASN F 35 -36.79 -1.40 3.60
N TRP F 36 -37.26 -1.05 4.78
CA TRP F 36 -38.58 -0.46 5.00
C TRP F 36 -38.37 0.87 5.71
N VAL F 37 -38.95 1.94 5.15
CA VAL F 37 -38.88 3.27 5.73
C VAL F 37 -40.27 3.86 5.73
N ARG F 38 -40.53 4.76 6.66
CA ARG F 38 -41.84 5.40 6.77
C ARG F 38 -41.66 6.89 7.00
N GLN F 39 -42.73 7.63 6.73
CA GLN F 39 -42.76 9.07 6.95
C GLN F 39 -44.05 9.42 7.67
N ALA F 40 -43.98 9.58 8.99
CA ALA F 40 -45.17 9.91 9.75
C ALA F 40 -45.62 11.33 9.45
N PRO F 41 -46.92 11.63 9.56
CA PRO F 41 -47.40 12.99 9.28
C PRO F 41 -46.73 14.04 10.17
N GLY F 42 -46.11 15.04 9.55
CA GLY F 42 -45.38 16.04 10.27
C GLY F 42 -43.97 15.65 10.66
N LYS F 43 -43.45 14.54 10.14
CA LYS F 43 -42.11 14.08 10.47
C LYS F 43 -41.40 13.66 9.19
N GLY F 44 -40.09 13.51 9.29
CA GLY F 44 -39.29 13.08 8.17
C GLY F 44 -39.28 11.58 8.00
N LEU F 45 -38.60 11.13 6.96
CA LEU F 45 -38.50 9.70 6.70
C LEU F 45 -37.72 9.00 7.80
N GLU F 46 -38.28 7.91 8.32
CA GLU F 46 -37.68 7.16 9.40
C GLU F 46 -37.47 5.72 8.95
N TRP F 47 -36.26 5.21 9.17
CA TRP F 47 -35.97 3.81 8.88
C TRP F 47 -36.68 2.89 9.86
N VAL F 48 -37.18 1.77 9.34
CA VAL F 48 -37.97 0.82 10.12
C VAL F 48 -37.25 -0.54 10.26
N SER F 49 -36.91 -1.16 9.12
CA SER F 49 -36.34 -2.50 9.15
C SER F 49 -35.57 -2.74 7.86
N ASP F 50 -34.72 -3.76 7.88
CA ASP F 50 -34.04 -4.21 6.67
C ASP F 50 -33.89 -5.72 6.71
N ILE F 51 -33.56 -6.28 5.55
CA ILE F 51 -33.29 -7.70 5.42
C ILE F 51 -32.23 -7.87 4.34
N SER F 52 -31.30 -8.78 4.58
CA SER F 52 -30.13 -8.91 3.71
C SER F 52 -30.51 -9.60 2.40
N GLN F 53 -29.50 -9.88 1.58
CA GLN F 53 -29.73 -10.48 0.27
C GLN F 53 -30.34 -11.88 0.41
N SER F 54 -29.99 -12.59 1.47
CA SER F 54 -30.49 -13.94 1.71
C SER F 54 -31.67 -13.96 2.67
N GLY F 55 -31.64 -13.13 3.71
CA GLY F 55 -32.68 -13.14 4.71
C GLY F 55 -32.18 -13.51 6.08
N ALA F 56 -30.85 -13.54 6.22
CA ALA F 56 -30.24 -13.96 7.48
C ALA F 56 -30.07 -12.78 8.44
N SER F 57 -29.48 -11.68 7.96
CA SER F 57 -29.20 -10.52 8.79
C SER F 57 -30.41 -9.59 8.72
N ILE F 58 -31.31 -9.74 9.69
CA ILE F 58 -32.53 -8.95 9.78
C ILE F 58 -32.39 -7.95 10.91
N SER F 59 -32.74 -6.70 10.65
CA SER F 59 -32.62 -5.63 11.62
C SER F 59 -33.92 -4.83 11.68
N TYR F 60 -34.21 -4.28 12.85
CA TYR F 60 -35.37 -3.43 13.04
C TYR F 60 -34.98 -2.20 13.83
N THR F 61 -35.84 -1.18 13.74
CA THR F 61 -35.76 -0.07 14.69
C THR F 61 -36.45 -0.47 15.98
N GLY F 62 -35.99 0.12 17.08
CA GLY F 62 -36.44 -0.33 18.39
C GLY F 62 -37.92 -0.18 18.60
N SER F 63 -38.50 0.91 18.09
CA SER F 63 -39.90 1.22 18.39
C SER F 63 -40.86 0.15 17.90
N VAL F 64 -40.50 -0.64 16.89
CA VAL F 64 -41.37 -1.65 16.32
C VAL F 64 -40.81 -3.06 16.51
N LYS F 65 -39.63 -3.19 17.09
CA LYS F 65 -39.01 -4.49 17.26
C LYS F 65 -39.85 -5.35 18.19
N GLY F 66 -40.07 -6.60 17.79
CA GLY F 66 -40.97 -7.50 18.48
C GLY F 66 -42.40 -7.47 17.98
N ARG F 67 -42.75 -6.50 17.14
CA ARG F 67 -44.07 -6.40 16.55
C ARG F 67 -44.07 -6.66 15.05
N PHE F 68 -43.11 -6.07 14.34
CA PHE F 68 -43.04 -6.19 12.88
C PHE F 68 -42.10 -7.34 12.50
N THR F 69 -42.37 -7.92 11.34
CA THR F 69 -41.54 -9.00 10.79
C THR F 69 -41.31 -8.74 9.31
N ILE F 70 -40.04 -8.72 8.90
CA ILE F 70 -39.67 -8.48 7.51
C ILE F 70 -39.22 -9.80 6.91
N SER F 71 -39.66 -10.06 5.68
CA SER F 71 -39.33 -11.29 4.98
C SER F 71 -39.37 -11.02 3.48
N ARG F 72 -38.49 -11.70 2.74
CA ARG F 72 -38.39 -11.53 1.30
C ARG F 72 -38.48 -12.88 0.61
N ASP F 73 -39.21 -12.92 -0.50
CA ASP F 73 -39.22 -14.07 -1.40
C ASP F 73 -38.33 -13.72 -2.58
N ASN F 74 -37.08 -14.20 -2.55
CA ASN F 74 -36.15 -13.88 -3.63
C ASN F 74 -36.59 -14.53 -4.94
N ALA F 75 -37.29 -15.66 -4.85
CA ALA F 75 -37.82 -16.29 -6.06
C ALA F 75 -38.99 -15.50 -6.63
N LYS F 76 -39.84 -14.95 -5.76
CA LYS F 76 -41.03 -14.21 -6.19
C LYS F 76 -40.78 -12.72 -6.34
N ASN F 77 -39.56 -12.25 -6.06
CA ASN F 77 -39.19 -10.85 -6.24
C ASN F 77 -40.11 -9.91 -5.47
N THR F 78 -40.33 -10.26 -4.20
CA THR F 78 -41.29 -9.52 -3.38
C THR F 78 -40.78 -9.41 -1.96
N LEU F 79 -41.14 -8.31 -1.30
CA LEU F 79 -40.75 -8.01 0.07
C LEU F 79 -42.00 -7.91 0.93
N TYR F 80 -41.89 -8.32 2.19
CA TYR F 80 -43.02 -8.33 3.11
C TYR F 80 -42.69 -7.58 4.39
N LEU F 81 -43.74 -7.11 5.05
CA LEU F 81 -43.63 -6.54 6.40
C LEU F 81 -44.91 -6.87 7.14
N GLN F 82 -44.86 -7.91 7.97
CA GLN F 82 -46.01 -8.31 8.78
C GLN F 82 -46.04 -7.42 10.02
N MET F 83 -47.06 -6.56 10.11
CA MET F 83 -47.20 -5.64 11.22
C MET F 83 -48.24 -6.18 12.19
N ASN F 84 -47.85 -6.39 13.43
CA ASN F 84 -48.74 -6.91 14.46
C ASN F 84 -48.86 -5.89 15.59
N SER F 85 -50.05 -5.81 16.17
CA SER F 85 -50.33 -4.90 17.29
C SER F 85 -49.99 -3.46 16.92
N LEU F 86 -50.71 -2.95 15.93
CA LEU F 86 -50.44 -1.62 15.40
C LEU F 86 -50.83 -0.57 16.44
N LYS F 87 -49.87 0.29 16.79
CA LYS F 87 -50.14 1.41 17.67
C LYS F 87 -50.54 2.64 16.86
N PRO F 88 -51.25 3.59 17.47
CA PRO F 88 -51.61 4.82 16.75
C PRO F 88 -50.40 5.63 16.29
N GLU F 89 -49.23 5.44 16.92
CA GLU F 89 -48.02 6.11 16.46
C GLU F 89 -47.46 5.51 15.19
N ASP F 90 -48.00 4.37 14.73
CA ASP F 90 -47.54 3.70 13.53
C ASP F 90 -48.22 4.20 12.26
N THR F 91 -49.01 5.27 12.36
CA THR F 91 -49.68 5.84 11.20
C THR F 91 -48.65 6.61 10.37
N ALA F 92 -48.41 6.15 9.14
CA ALA F 92 -47.41 6.74 8.28
C ALA F 92 -47.59 6.20 6.87
N VAL F 93 -46.82 6.75 5.94
CA VAL F 93 -46.68 6.20 4.61
C VAL F 93 -45.43 5.34 4.59
N TYR F 94 -45.59 4.05 4.29
CA TYR F 94 -44.51 3.08 4.37
C TYR F 94 -43.92 2.87 2.98
N TYR F 95 -42.62 3.14 2.85
CA TYR F 95 -41.92 3.07 1.58
C TYR F 95 -41.02 1.85 1.56
N CYS F 96 -41.06 1.10 0.46
CA CYS F 96 -40.14 -0.01 0.23
C CYS F 96 -38.91 0.53 -0.48
N ALA F 97 -37.77 0.50 0.20
CA ALA F 97 -36.55 1.12 -0.29
C ALA F 97 -35.52 0.04 -0.61
N ARG F 98 -34.85 0.21 -1.75
CA ARG F 98 -33.79 -0.69 -2.18
C ARG F 98 -32.44 -0.01 -1.97
N CYS F 99 -31.48 -0.77 -1.46
CA CYS F 99 -30.15 -0.21 -1.25
C CYS F 99 -29.49 0.06 -2.59
N PRO F 100 -28.67 1.12 -2.67
CA PRO F 100 -28.24 1.61 -4.00
C PRO F 100 -27.44 0.60 -4.82
N ALA F 101 -26.57 -0.19 -4.18
CA ALA F 101 -25.68 -1.05 -4.94
C ALA F 101 -25.83 -2.51 -4.51
N PRO F 102 -25.53 -3.46 -5.40
CA PRO F 102 -25.61 -4.87 -5.03
C PRO F 102 -24.35 -5.37 -4.33
N PHE F 103 -24.50 -6.54 -3.70
CA PHE F 103 -23.41 -7.21 -3.01
C PHE F 103 -22.75 -6.31 -1.97
N THR F 104 -23.55 -5.45 -1.35
CA THR F 104 -23.05 -4.42 -0.45
C THR F 104 -23.78 -4.51 0.88
N ARG F 105 -23.02 -4.42 1.97
CA ARG F 105 -23.56 -4.32 3.31
C ARG F 105 -23.80 -2.86 3.73
N ASP F 106 -23.92 -1.98 2.76
CA ASP F 106 -24.01 -0.54 2.97
C ASP F 106 -25.26 0.00 2.30
N CYS F 107 -25.92 0.96 2.94
CA CYS F 107 -27.12 1.57 2.38
C CYS F 107 -27.20 3.03 2.82
N PHE F 108 -27.55 3.92 1.86
CA PHE F 108 -27.86 5.33 2.12
C PHE F 108 -29.20 5.63 1.44
N ASP F 109 -30.32 5.39 2.13
CA ASP F 109 -31.61 5.39 1.46
C ASP F 109 -32.76 6.01 2.25
N VAL F 110 -32.48 6.89 3.21
CA VAL F 110 -33.54 7.56 3.95
C VAL F 110 -33.63 9.04 3.60
N THR F 111 -33.00 9.45 2.49
CA THR F 111 -32.90 10.86 2.15
C THR F 111 -34.25 11.41 1.68
N SER F 112 -34.60 12.59 2.18
CA SER F 112 -35.84 13.24 1.78
C SER F 112 -35.81 13.60 0.30
N THR F 113 -34.67 14.10 -0.18
CA THR F 113 -34.47 14.30 -1.61
C THR F 113 -34.73 13.00 -2.34
N THR F 114 -35.24 13.10 -3.57
CA THR F 114 -35.76 11.93 -4.26
C THR F 114 -34.73 10.81 -4.30
N TYR F 115 -35.01 9.73 -3.58
CA TYR F 115 -34.21 8.53 -3.63
C TYR F 115 -34.79 7.63 -4.72
N ALA F 116 -33.97 7.33 -5.73
CA ALA F 116 -34.50 6.71 -6.94
C ALA F 116 -35.05 5.32 -6.67
N TYR F 117 -34.40 4.57 -5.78
CA TYR F 117 -34.73 3.16 -5.55
C TYR F 117 -35.67 2.98 -4.37
N ARG F 118 -36.57 3.95 -4.17
CA ARG F 118 -37.66 3.87 -3.21
C ARG F 118 -38.98 3.78 -3.96
N GLY F 119 -39.97 3.18 -3.31
CA GLY F 119 -41.28 3.04 -3.91
C GLY F 119 -42.14 4.27 -3.72
N GLN F 120 -43.40 4.12 -4.12
CA GLN F 120 -44.38 5.19 -3.98
C GLN F 120 -44.89 5.34 -2.55
N GLY F 121 -45.02 4.23 -1.84
CA GLY F 121 -45.50 4.25 -0.48
C GLY F 121 -46.98 3.90 -0.40
N THR F 122 -47.38 3.34 0.75
CA THR F 122 -48.78 3.01 1.02
C THR F 122 -49.19 3.62 2.34
N GLN F 123 -50.37 4.25 2.35
CA GLN F 123 -50.89 4.80 3.59
C GLN F 123 -51.27 3.69 4.56
N VAL F 124 -50.92 3.89 5.82
CA VAL F 124 -51.27 2.98 6.91
C VAL F 124 -51.84 3.85 8.02
N THR F 125 -53.15 3.76 8.25
CA THR F 125 -53.82 4.54 9.28
C THR F 125 -54.22 3.62 10.43
N VAL F 126 -53.84 3.99 11.65
CA VAL F 126 -54.16 3.19 12.81
C VAL F 126 -55.03 3.99 13.78
#